data_1YQ3
#
_entry.id   1YQ3
#
_cell.length_a   70.008
_cell.length_b   84.398
_cell.length_c   289.496
_cell.angle_alpha   90.00
_cell.angle_beta   90.00
_cell.angle_gamma   90.00
#
_symmetry.space_group_name_H-M   'P 21 21 21'
#
loop_
_entity.id
_entity.type
_entity.pdbx_description
1 polymer 'Succinate dehydrogenase flavoprotein subunit'
2 polymer 'succinate dehydrogenase Ip subunit'
3 polymer 'SUCCINATE DEHYDROGENASE CYTOCHROME B, LARGE SUBUNIT'
4 polymer 'SUCCINATE DEHYDROGENASE CYTOCHROME B, SMALL SUBUNIT'
5 non-polymer 'FLAVIN-ADENINE DINUCLEOTIDE'
6 non-polymer 'MALATE LIKE INTERMEDIATE'
7 non-polymer 'UNKNOWN LIGAND'
8 non-polymer 'FE2/S2 (INORGANIC) CLUSTER'
9 non-polymer 'IRON/SULFUR CLUSTER'
10 non-polymer 'FE3-S4 CLUSTER'
11 non-polymer 'Coenzyme Q10, (2Z,6E,10Z,14E,18E,22E,26Z)-isomer'
12 non-polymer GLYCEROL
13 non-polymer 'hexyl beta-D-glucopyranoside'
14 non-polymer 'PROTOPORPHYRIN IX CONTAINING FE'
15 non-polymer 1,2-dioleoyl-sn-glycero-3-phosphoethanolamine
16 water water
#
loop_
_entity_poly.entity_id
_entity_poly.type
_entity_poly.pdbx_seq_one_letter_code
_entity_poly.pdbx_strand_id
1 'polypeptide(L)'
;STKVSDSISTQYPVVDHEFDAVVVGAGGAGLRAAFGLSEAGFNTACVTKLFPTRSHTVAAQGGINAALGNMEDDNWRWHF
YDTVKGSDWLGDQDAIHYMTEQAPAAVIELENYGMPFSRTEEGKIYQRAFGGQSLQFGKGGQAHRCCCVADRTGHSLLHT
LYGRSLRYDTSYFVEYFALDLLMENGECRGVIALCIEDGTIHRFRAKNTVIATGGYGRTYFSCTSAHTSTGDGTAMVTRA
GLPCQDLEFVQFHPTGIYGAGCLITEGCRGEGGILINSQGERFMERYAPVAKDLASRDVVSRSMTIEIREGRGCGPEKDH
VYLQLHHLPPQQLATRLPGISETAMIFAGVDVTKEPIPVLPTVHYNMGGIPTNYKGQVITHVNGEDKVVPGLYACGEAAS
ASVHGANRLGANSLLDLVVFGRACALTIAETCKPGEPVPSIKPNAGEESVANLDKLRFADGTIRTSEARLNMQKTMQSHA
AVFRTGSILQEGCEKLSQIYRDLAHLKTFDRGIVWNTDLVETLELQNLMLCALQTIYGAEARKESRGAHAREDYKLRIDE
FDYSKPLQGQQKRPFEEHWRKHTLSYVDVKSGKVTLKYRPVIDRTLNEEDCSSVPPAIRSY
;
A
2 'polypeptide(L)'
;AQTAAAATSRIKKFSIYRWDPDKPGDKPRMQTYEVDLNKCGPMVLDALIKIKNELDSTLTFRRSCREGICGSCAMNIAGG
NTLACTKKIDPDLSKTTKIYPLPHMYVVKDLVPDLSNFYAQYKSIEPYLKKKDESKQGKEQYLQSIEDRQKLDGLYECIL
CACCSTSCPSYWWNGDKYLGPAVLMQAYRWMIDSRDDYTEERLAQLQDPFSLYRCHTIMNCTRTCPKGLNPGKAIAEIKK
MMATYKEKAAAA
;
B
3 'polypeptide(L)'
;MATTAKEEMARFWEKNTKSSRPLSPHISIYKWSLPMAMSITHRGTGVALSLGVSLFSLAALLLPEQFPHYVAVVKSLSLS
PALIYSAKFALVFPLSYHTWNGIRHLVWDMGKGFKLSQVEQSGVVVLILTLLSSAGIAAIS
;
C
4 'polypeptide(L)'
;GSSKAASLHWTSERAVSALLLGLLPAAYLYPGPAVDYSLAAALTLHGHWGLGQVITDYVHGDTPIKVANTGLYVLSAITF
TGLCYFNYYDVGICKAVAMLWSI
;
D
#
loop_
_chem_comp.id
_chem_comp.type
_chem_comp.name
_chem_comp.formula
F3S non-polymer 'FE3-S4 CLUSTER' 'Fe3 S4'
FAD non-polymer 'FLAVIN-ADENINE DINUCLEOTIDE' 'C27 H33 N9 O15 P2'
FES non-polymer 'FE2/S2 (INORGANIC) CLUSTER' 'Fe2 S2'
GOL non-polymer GLYCEROL 'C3 H8 O3'
HEM non-polymer 'PROTOPORPHYRIN IX CONTAINING FE' 'C34 H32 Fe N4 O4'
JZR D-saccharide 'hexyl beta-D-glucopyranoside' 'C12 H24 O6'
PEE non-polymer 1,2-dioleoyl-sn-glycero-3-phosphoethanolamine 'C41 H78 N O8 P'
SF4 non-polymer 'IRON/SULFUR CLUSTER' 'Fe4 S4'
TEO non-polymer 'MALATE LIKE INTERMEDIATE' 'C4 H4 O5 -2'
UNL non-polymer 'UNKNOWN LIGAND' ?
UQ non-polymer 'Coenzyme Q10, (2Z,6E,10Z,14E,18E,22E,26Z)-isomer' 'C59 H90 O4'
#
# COMPACT_ATOMS: atom_id res chain seq x y z
N ILE A 8 -4.27 12.42 39.82
CA ILE A 8 -3.89 13.05 38.53
C ILE A 8 -5.13 13.53 37.75
N SER A 9 -6.14 12.67 37.70
CA SER A 9 -7.42 12.90 37.00
C SER A 9 -7.44 12.32 35.55
N THR A 10 -8.44 11.46 35.34
CA THR A 10 -8.63 10.83 34.06
C THR A 10 -9.48 11.77 33.17
N GLN A 11 -8.78 12.69 32.47
CA GLN A 11 -9.44 13.60 31.52
C GLN A 11 -9.58 12.68 30.27
N TYR A 12 -8.88 11.54 30.35
CA TYR A 12 -8.88 10.52 29.31
C TYR A 12 -9.51 9.22 29.78
N PRO A 13 -10.54 8.77 29.08
CA PRO A 13 -11.15 7.49 29.52
C PRO A 13 -10.18 6.35 29.13
N VAL A 14 -10.05 5.36 30.01
CA VAL A 14 -9.11 4.26 29.78
C VAL A 14 -9.79 2.90 29.58
N VAL A 15 -9.48 2.19 28.50
CA VAL A 15 -10.10 0.88 28.25
C VAL A 15 -9.05 -0.20 28.52
N ASP A 16 -9.42 -1.20 29.28
CA ASP A 16 -8.48 -2.28 29.57
C ASP A 16 -8.79 -3.55 28.84
N HIS A 17 -7.78 -4.18 28.29
CA HIS A 17 -7.99 -5.47 27.55
C HIS A 17 -7.08 -6.53 28.15
N GLU A 18 -7.41 -7.78 27.98
CA GLU A 18 -6.58 -8.81 28.53
C GLU A 18 -6.42 -9.77 27.38
N PHE A 19 -5.20 -10.13 27.08
CA PHE A 19 -4.96 -11.10 26.01
C PHE A 19 -3.83 -12.01 26.53
N ASP A 20 -3.66 -13.15 25.87
CA ASP A 20 -2.52 -14.00 26.19
C ASP A 20 -1.27 -13.26 25.73
N ALA A 21 -1.33 -12.61 24.54
CA ALA A 21 -0.14 -11.92 23.95
C ALA A 21 -0.47 -10.70 23.13
N VAL A 22 0.44 -9.74 23.03
CA VAL A 22 0.20 -8.52 22.27
C VAL A 22 1.36 -8.33 21.33
N VAL A 23 1.11 -8.02 20.06
CA VAL A 23 2.19 -7.80 19.08
C VAL A 23 2.04 -6.36 18.71
N VAL A 24 3.12 -5.60 18.84
CA VAL A 24 3.04 -4.21 18.47
C VAL A 24 3.74 -4.04 17.16
N GLY A 25 2.99 -3.69 16.10
CA GLY A 25 3.58 -3.54 14.75
C GLY A 25 2.87 -4.50 13.74
N ALA A 26 2.68 -4.09 12.49
CA ALA A 26 2.00 -5.03 11.60
C ALA A 26 2.59 -4.99 10.22
N GLY A 27 3.91 -4.93 10.20
CA GLY A 27 4.66 -5.04 8.98
C GLY A 27 4.90 -6.55 8.87
N GLY A 28 5.94 -6.90 8.16
CA GLY A 28 6.28 -8.28 7.92
C GLY A 28 6.52 -9.06 9.20
N ALA A 29 7.33 -8.51 10.10
CA ALA A 29 7.62 -9.23 11.34
C ALA A 29 6.41 -9.31 12.19
N GLY A 30 5.73 -8.19 12.46
CA GLY A 30 4.57 -8.31 13.34
C GLY A 30 3.41 -9.17 12.79
N LEU A 31 3.05 -9.01 11.53
CA LEU A 31 1.97 -9.88 11.05
C LEU A 31 2.41 -11.34 11.24
N ARG A 32 3.63 -11.70 10.85
CA ARG A 32 4.00 -13.14 10.98
C ARG A 32 3.98 -13.64 12.45
N ALA A 33 4.45 -12.74 13.34
CA ALA A 33 4.39 -13.13 14.75
C ALA A 33 2.94 -13.19 15.24
N ALA A 34 2.13 -12.21 14.88
CA ALA A 34 0.75 -12.16 15.43
C ALA A 34 -0.10 -13.36 14.93
N PHE A 35 -0.22 -13.65 13.64
CA PHE A 35 -0.99 -14.88 13.37
C PHE A 35 -0.24 -16.15 13.75
N GLY A 36 1.11 -16.14 13.83
CA GLY A 36 1.76 -17.38 14.26
C GLY A 36 1.23 -17.74 15.68
N LEU A 37 1.14 -16.71 16.54
CA LEU A 37 0.68 -16.83 17.88
C LEU A 37 -0.79 -17.36 17.83
N SER A 38 -1.67 -16.74 17.05
CA SER A 38 -3.06 -17.25 16.96
C SER A 38 -3.10 -18.70 16.39
N GLU A 39 -2.33 -18.97 15.36
CA GLU A 39 -2.28 -20.31 14.83
C GLU A 39 -1.89 -21.28 15.96
N ALA A 40 -1.04 -20.84 16.89
CA ALA A 40 -0.63 -21.74 17.98
C ALA A 40 -1.71 -21.79 19.13
N GLY A 41 -2.80 -21.04 18.98
CA GLY A 41 -3.83 -21.14 19.99
C GLY A 41 -3.83 -19.96 20.90
N PHE A 42 -2.91 -19.04 20.73
CA PHE A 42 -2.89 -17.91 21.64
C PHE A 42 -3.86 -16.78 21.24
N ASN A 43 -4.67 -16.32 22.21
CA ASN A 43 -5.61 -15.20 21.97
C ASN A 43 -4.69 -13.99 21.86
N THR A 44 -4.54 -13.48 20.64
CA THR A 44 -3.53 -12.43 20.37
C THR A 44 -4.06 -11.13 19.89
N ALA A 45 -3.49 -10.00 20.35
CA ALA A 45 -3.91 -8.69 19.89
C ALA A 45 -2.82 -8.14 18.99
N CYS A 46 -3.10 -7.45 17.90
CA CYS A 46 -1.99 -6.85 17.10
C CYS A 46 -2.28 -5.36 17.09
N VAL A 47 -1.34 -4.52 17.57
CA VAL A 47 -1.58 -3.09 17.71
C VAL A 47 -0.72 -2.36 16.69
N THR A 48 -1.30 -1.52 15.82
CA THR A 48 -0.37 -0.95 14.85
C THR A 48 -0.76 0.50 14.58
N LYS A 49 0.21 1.36 14.29
CA LYS A 49 -0.23 2.72 14.14
C LYS A 49 -0.72 3.03 12.69
N LEU A 50 -0.49 2.08 11.81
CA LEU A 50 -0.90 2.17 10.40
C LEU A 50 -1.82 0.98 10.08
N PHE A 51 -2.59 1.11 9.01
CA PHE A 51 -3.36 -0.04 8.55
C PHE A 51 -2.17 -0.92 8.12
N PRO A 52 -2.21 -2.25 8.43
CA PRO A 52 -1.06 -3.07 8.05
C PRO A 52 -0.31 -2.95 6.74
N THR A 53 -0.99 -2.78 5.60
CA THR A 53 -0.28 -2.82 4.34
C THR A 53 0.38 -1.50 3.98
N ARG A 54 0.23 -0.51 4.86
CA ARG A 54 0.87 0.78 4.63
C ARG A 54 2.23 0.73 5.23
N SER A 55 2.56 -0.31 6.00
CA SER A 55 3.87 -0.38 6.69
C SER A 55 5.03 -0.33 5.74
N HIS A 56 6.18 0.14 6.24
CA HIS A 56 7.32 0.30 5.37
C HIS A 56 7.73 -0.95 4.60
N THR A 57 7.54 -2.11 5.19
CA THR A 57 7.80 -3.42 4.53
C THR A 57 7.18 -3.42 3.09
N VAL A 58 6.01 -2.79 2.90
CA VAL A 58 5.36 -2.71 1.59
C VAL A 58 6.23 -2.08 0.45
N ALA A 59 7.25 -1.29 0.85
CA ALA A 59 8.09 -0.55 -0.13
C ALA A 59 9.30 -1.33 -0.47
N ALA A 60 9.51 -2.49 0.21
CA ALA A 60 10.71 -3.28 -0.12
C ALA A 60 10.71 -3.80 -1.56
N GLN A 61 11.90 -3.87 -2.16
CA GLN A 61 11.95 -4.18 -3.58
C GLN A 61 12.72 -5.41 -4.12
N GLY A 62 14.05 -5.42 -3.96
CA GLY A 62 14.87 -6.46 -4.56
C GLY A 62 14.65 -7.93 -4.21
N GLY A 63 14.31 -8.24 -2.97
CA GLY A 63 14.10 -9.64 -2.68
C GLY A 63 14.30 -10.10 -1.27
N ILE A 64 14.32 -11.41 -1.11
CA ILE A 64 14.49 -12.06 0.22
C ILE A 64 15.37 -13.26 -0.06
N ASN A 65 16.44 -13.46 0.69
CA ASN A 65 17.36 -14.55 0.45
C ASN A 65 16.99 -15.90 1.02
N ALA A 66 17.29 -16.97 0.26
CA ALA A 66 17.13 -18.31 0.74
C ALA A 66 17.86 -19.17 -0.24
N ALA A 67 18.58 -20.14 0.28
CA ALA A 67 19.37 -21.00 -0.60
C ALA A 67 18.44 -22.06 -1.15
N LEU A 68 17.53 -21.69 -2.02
CA LEU A 68 16.64 -22.69 -2.57
C LEU A 68 17.39 -23.46 -3.64
N GLY A 69 18.44 -22.87 -4.21
CA GLY A 69 19.14 -23.57 -5.27
C GLY A 69 18.29 -23.69 -6.55
N ASN A 70 17.45 -22.70 -6.85
CA ASN A 70 16.70 -22.81 -8.05
C ASN A 70 17.52 -22.30 -9.31
N MET A 71 18.68 -21.69 -9.10
CA MET A 71 19.39 -21.20 -10.31
C MET A 71 20.71 -21.96 -10.45
N GLU A 72 21.21 -22.50 -9.35
CA GLU A 72 22.44 -23.25 -9.37
C GLU A 72 22.38 -23.93 -8.01
N ASP A 73 23.19 -24.94 -7.80
CA ASP A 73 23.29 -25.61 -6.52
C ASP A 73 23.76 -24.57 -5.49
N ASP A 74 23.20 -24.69 -4.29
CA ASP A 74 23.50 -23.72 -3.25
C ASP A 74 23.59 -24.45 -1.91
N ASN A 75 23.87 -23.74 -0.84
CA ASN A 75 23.99 -24.39 0.45
C ASN A 75 23.65 -23.29 1.44
N TRP A 76 22.80 -23.56 2.43
CA TRP A 76 22.43 -22.47 3.29
C TRP A 76 23.64 -22.01 4.08
N ARG A 77 24.60 -22.91 4.29
CA ARG A 77 25.78 -22.53 5.03
C ARG A 77 26.63 -21.50 4.27
N TRP A 78 26.53 -21.50 2.95
CA TRP A 78 27.22 -20.48 2.14
C TRP A 78 26.57 -19.08 2.45
N HIS A 79 25.24 -19.10 2.68
CA HIS A 79 24.49 -17.92 3.00
C HIS A 79 24.92 -17.45 4.38
N PHE A 80 25.08 -18.43 5.30
CA PHE A 80 25.49 -18.16 6.69
C PHE A 80 26.80 -17.39 6.68
N TYR A 81 27.72 -17.90 5.89
CA TYR A 81 29.03 -17.31 5.76
C TYR A 81 29.03 -15.89 5.22
N ASP A 82 28.24 -15.71 4.17
CA ASP A 82 28.10 -14.43 3.55
C ASP A 82 27.57 -13.45 4.58
N THR A 83 26.64 -13.88 5.43
CA THR A 83 26.03 -12.97 6.35
C THR A 83 26.97 -12.63 7.48
N VAL A 84 27.71 -13.63 7.97
CA VAL A 84 28.65 -13.42 9.00
C VAL A 84 29.76 -12.47 8.47
N LYS A 85 30.29 -12.75 7.30
CA LYS A 85 31.35 -11.85 6.81
C LYS A 85 30.77 -10.45 6.62
N GLY A 86 29.58 -10.41 6.01
CA GLY A 86 28.94 -9.14 5.80
C GLY A 86 28.73 -8.41 7.13
N SER A 87 28.41 -9.09 8.21
CA SER A 87 28.18 -8.35 9.43
C SER A 87 29.47 -7.80 10.03
N ASP A 88 30.62 -8.17 9.47
CA ASP A 88 31.95 -7.76 9.91
C ASP A 88 32.17 -8.20 11.29
N TRP A 89 31.66 -9.37 11.60
CA TRP A 89 31.87 -10.02 12.89
C TRP A 89 31.30 -9.30 14.06
N LEU A 90 30.25 -8.54 13.80
CA LEU A 90 29.59 -7.95 14.95
C LEU A 90 28.22 -8.73 15.05
N GLY A 91 28.03 -9.70 14.15
CA GLY A 91 26.79 -10.46 14.17
C GLY A 91 26.90 -11.65 15.04
N ASP A 92 25.82 -12.03 15.68
CA ASP A 92 25.81 -13.17 16.54
C ASP A 92 25.57 -14.39 15.61
N GLN A 93 26.48 -15.33 15.60
CA GLN A 93 26.38 -16.46 14.66
C GLN A 93 25.35 -17.50 14.97
N ASP A 94 24.85 -17.46 16.21
CA ASP A 94 23.80 -18.43 16.55
C ASP A 94 22.55 -17.95 15.84
N ALA A 95 22.26 -16.65 15.92
CA ALA A 95 21.10 -16.04 15.26
C ALA A 95 21.26 -16.15 13.76
N ILE A 96 22.47 -15.86 13.25
CA ILE A 96 22.74 -15.95 11.83
C ILE A 96 22.59 -17.39 11.39
N HIS A 97 22.99 -18.34 12.22
CA HIS A 97 22.85 -19.73 11.83
C HIS A 97 21.38 -20.00 11.61
N TYR A 98 20.59 -19.63 12.61
CA TYR A 98 19.14 -19.91 12.61
C TYR A 98 18.48 -19.25 11.43
N MET A 99 18.86 -18.00 11.21
CA MET A 99 18.22 -17.25 10.13
C MET A 99 18.42 -17.88 8.77
N THR A 100 19.67 -18.19 8.44
CA THR A 100 20.01 -18.78 7.16
C THR A 100 19.58 -20.25 7.00
N GLU A 101 19.55 -21.02 8.07
CA GLU A 101 19.14 -22.37 7.84
C GLU A 101 17.67 -22.35 7.73
N GLN A 102 17.01 -21.43 8.45
CA GLN A 102 15.54 -21.42 8.32
C GLN A 102 15.07 -20.77 7.03
N ALA A 103 15.96 -20.14 6.24
CA ALA A 103 15.44 -19.38 5.11
C ALA A 103 14.62 -20.05 4.03
N PRO A 104 15.05 -21.21 3.55
CA PRO A 104 14.35 -21.95 2.48
C PRO A 104 12.94 -22.26 2.96
N ALA A 105 12.78 -22.69 4.20
CA ALA A 105 11.44 -23.04 4.65
C ALA A 105 10.61 -21.76 4.82
N ALA A 106 11.25 -20.65 5.12
CA ALA A 106 10.48 -19.45 5.37
C ALA A 106 9.95 -18.91 4.06
N VAL A 107 10.76 -19.05 3.03
CA VAL A 107 10.37 -18.56 1.76
C VAL A 107 9.35 -19.51 1.13
N ILE A 108 9.59 -20.82 1.23
CA ILE A 108 8.64 -21.76 0.66
C ILE A 108 7.30 -21.47 1.33
N GLU A 109 7.33 -21.10 2.61
CA GLU A 109 6.10 -20.76 3.33
C GLU A 109 5.38 -19.60 2.66
N LEU A 110 6.15 -18.57 2.30
CA LEU A 110 5.49 -17.44 1.71
C LEU A 110 4.90 -17.89 0.37
N GLU A 111 5.68 -18.62 -0.44
CA GLU A 111 5.16 -19.02 -1.78
C GLU A 111 3.87 -19.78 -1.63
N ASN A 112 3.79 -20.66 -0.62
CA ASN A 112 2.56 -21.47 -0.35
C ASN A 112 1.39 -20.65 0.15
N TYR A 113 1.67 -19.51 0.76
CA TYR A 113 0.65 -18.62 1.19
C TYR A 113 0.06 -17.96 -0.04
N GLY A 114 0.79 -18.00 -1.16
CA GLY A 114 0.28 -17.41 -2.41
C GLY A 114 1.14 -16.25 -2.94
N MET A 115 2.26 -15.96 -2.29
CA MET A 115 3.12 -14.85 -2.70
C MET A 115 3.50 -15.05 -4.14
N PRO A 116 3.17 -14.10 -4.98
CA PRO A 116 3.49 -14.29 -6.37
C PRO A 116 4.93 -14.07 -6.89
N PHE A 117 5.85 -14.95 -6.48
CA PHE A 117 7.22 -14.87 -6.93
C PHE A 117 7.31 -15.05 -8.41
N SER A 118 8.32 -14.37 -8.99
CA SER A 118 8.64 -14.45 -10.40
C SER A 118 9.06 -15.87 -10.62
N ARG A 119 9.05 -16.37 -11.84
CA ARG A 119 9.36 -17.79 -12.05
C ARG A 119 10.49 -18.12 -13.05
N THR A 120 11.12 -19.27 -12.85
CA THR A 120 12.14 -19.75 -13.78
C THR A 120 11.50 -20.68 -14.83
N GLU A 121 12.32 -21.14 -15.76
CA GLU A 121 11.75 -22.03 -16.80
C GLU A 121 11.25 -23.32 -16.22
N GLU A 122 11.59 -23.63 -14.95
CA GLU A 122 11.15 -24.84 -14.28
C GLU A 122 9.93 -24.61 -13.40
N GLY A 123 9.37 -23.42 -13.43
CA GLY A 123 8.22 -23.15 -12.60
C GLY A 123 8.54 -22.88 -11.12
N LYS A 124 9.84 -22.76 -10.82
CA LYS A 124 10.32 -22.48 -9.43
C LYS A 124 10.55 -20.99 -9.21
N ILE A 125 10.77 -20.62 -7.96
CA ILE A 125 11.01 -19.23 -7.66
C ILE A 125 12.30 -18.69 -8.30
N TYR A 126 12.18 -17.62 -9.06
CA TYR A 126 13.34 -16.96 -9.71
C TYR A 126 14.17 -16.18 -8.68
N GLN A 127 15.49 -16.37 -8.68
CA GLN A 127 16.37 -15.69 -7.76
C GLN A 127 17.44 -14.94 -8.56
N ARG A 128 17.80 -13.76 -8.07
CA ARG A 128 18.77 -12.90 -8.71
C ARG A 128 20.03 -12.72 -7.81
N ALA A 129 21.11 -12.20 -8.40
CA ALA A 129 22.35 -11.87 -7.71
C ALA A 129 22.01 -10.64 -6.84
N PHE A 130 22.74 -10.46 -5.76
CA PHE A 130 22.55 -9.32 -4.87
C PHE A 130 23.92 -9.10 -4.27
N GLY A 131 24.11 -7.98 -3.57
CA GLY A 131 25.44 -7.72 -3.04
C GLY A 131 26.01 -8.47 -1.86
N GLY A 132 27.24 -8.94 -2.04
CA GLY A 132 27.87 -9.63 -0.96
C GLY A 132 27.45 -11.08 -0.84
N GLN A 133 27.05 -11.71 -1.92
CA GLN A 133 26.67 -13.08 -1.76
C GLN A 133 27.49 -13.92 -2.70
N SER A 134 27.91 -15.11 -2.23
CA SER A 134 28.76 -15.94 -3.01
C SER A 134 28.46 -17.42 -2.77
N LEU A 135 29.12 -18.25 -3.59
CA LEU A 135 29.00 -19.73 -3.53
C LEU A 135 30.28 -20.22 -2.86
N GLN A 136 30.30 -21.46 -2.37
CA GLN A 136 31.51 -22.07 -1.71
C GLN A 136 32.20 -21.20 -0.63
N PHE A 137 31.47 -20.76 0.36
CA PHE A 137 32.10 -19.95 1.39
C PHE A 137 33.01 -18.86 0.84
N GLY A 138 32.58 -18.10 -0.14
CA GLY A 138 33.45 -17.02 -0.51
C GLY A 138 34.40 -17.27 -1.65
N LYS A 139 34.61 -18.54 -1.98
CA LYS A 139 35.51 -18.89 -3.04
C LYS A 139 34.89 -19.20 -4.39
N GLY A 140 33.58 -19.34 -4.50
CA GLY A 140 33.01 -19.75 -5.76
C GLY A 140 32.25 -18.83 -6.65
N GLY A 141 32.38 -17.53 -6.50
CA GLY A 141 31.65 -16.72 -7.48
C GLY A 141 30.30 -16.32 -6.96
N GLN A 142 29.65 -15.46 -7.74
CA GLN A 142 28.37 -14.82 -7.37
C GLN A 142 27.22 -15.77 -7.07
N ALA A 143 26.55 -15.59 -5.94
CA ALA A 143 25.39 -16.42 -5.71
C ALA A 143 24.19 -15.73 -6.38
N HIS A 144 23.10 -16.47 -6.57
CA HIS A 144 21.82 -15.97 -7.14
C HIS A 144 20.77 -16.61 -6.20
N ARG A 145 20.62 -16.03 -5.03
CA ARG A 145 19.70 -16.63 -4.08
C ARG A 145 18.70 -15.63 -3.53
N CYS A 146 18.59 -14.44 -4.15
CA CYS A 146 17.64 -13.45 -3.69
C CYS A 146 16.33 -13.62 -4.43
N CYS A 147 15.37 -14.26 -3.76
CA CYS A 147 14.07 -14.58 -4.36
C CYS A 147 13.25 -13.34 -4.50
N CYS A 148 12.51 -13.25 -5.61
CA CYS A 148 11.83 -11.98 -5.77
C CYS A 148 10.61 -12.06 -6.62
N VAL A 149 9.77 -11.03 -6.42
CA VAL A 149 8.55 -10.74 -7.17
C VAL A 149 8.99 -9.44 -7.87
N ALA A 150 9.53 -9.63 -9.08
CA ALA A 150 10.13 -8.60 -9.91
C ALA A 150 10.89 -7.63 -8.93
N ASP A 151 10.61 -6.33 -8.93
CA ASP A 151 11.21 -5.48 -7.97
C ASP A 151 10.19 -4.89 -7.00
N ARG A 152 9.24 -5.70 -6.56
CA ARG A 152 8.20 -5.24 -5.57
C ARG A 152 7.99 -6.33 -4.56
N THR A 153 9.08 -6.95 -4.16
CA THR A 153 9.01 -8.10 -3.28
C THR A 153 8.35 -7.70 -1.95
N GLY A 154 8.66 -6.47 -1.50
CA GLY A 154 8.12 -6.05 -0.19
C GLY A 154 6.59 -5.97 -0.23
N HIS A 155 6.11 -5.33 -1.29
CA HIS A 155 4.71 -5.18 -1.49
C HIS A 155 3.96 -6.51 -1.44
N SER A 156 4.45 -7.49 -2.20
CA SER A 156 3.85 -8.81 -2.26
C SER A 156 4.00 -9.57 -0.96
N LEU A 157 5.17 -9.43 -0.34
CA LEU A 157 5.39 -10.09 0.90
C LEU A 157 4.37 -9.60 1.94
N LEU A 158 4.16 -8.26 2.04
CA LEU A 158 3.22 -7.68 3.02
C LEU A 158 1.72 -7.98 2.69
N HIS A 159 1.31 -7.81 1.45
CA HIS A 159 -0.03 -8.12 1.07
C HIS A 159 -0.39 -9.56 1.23
N THR A 160 0.57 -10.44 0.96
CA THR A 160 0.36 -11.91 1.13
C THR A 160 0.25 -12.26 2.66
N LEU A 161 1.12 -11.69 3.47
CA LEU A 161 1.05 -11.95 4.92
C LEU A 161 -0.24 -11.35 5.40
N TYR A 162 -0.62 -10.16 4.90
CA TYR A 162 -1.84 -9.59 5.46
C TYR A 162 -3.06 -10.45 5.11
N GLY A 163 -3.09 -10.93 3.87
CA GLY A 163 -4.25 -11.71 3.46
C GLY A 163 -4.30 -12.96 4.29
N ARG A 164 -3.11 -13.54 4.51
CA ARG A 164 -3.01 -14.70 5.35
C ARG A 164 -3.49 -14.48 6.82
N SER A 165 -3.19 -13.32 7.44
CA SER A 165 -3.65 -13.08 8.80
C SER A 165 -5.17 -13.10 8.88
N LEU A 166 -5.83 -12.79 7.77
CA LEU A 166 -7.28 -12.80 7.78
C LEU A 166 -7.89 -14.15 8.07
N ARG A 167 -7.09 -15.23 8.05
CA ARG A 167 -7.67 -16.55 8.36
C ARG A 167 -7.69 -16.91 9.87
N TYR A 168 -7.10 -16.10 10.76
CA TYR A 168 -7.02 -16.42 12.16
C TYR A 168 -7.81 -15.50 12.98
N ASP A 169 -7.93 -15.76 14.27
CA ASP A 169 -8.77 -14.94 15.11
C ASP A 169 -8.07 -13.88 15.92
N THR A 170 -6.94 -13.46 15.40
CA THR A 170 -6.16 -12.41 15.92
C THR A 170 -7.03 -11.15 16.05
N SER A 171 -6.98 -10.45 17.17
CA SER A 171 -7.73 -9.20 17.30
C SER A 171 -6.84 -8.02 16.86
N TYR A 172 -7.25 -7.25 15.85
CA TYR A 172 -6.44 -6.12 15.42
C TYR A 172 -6.94 -4.78 15.99
N PHE A 173 -6.02 -3.92 16.38
CA PHE A 173 -6.39 -2.57 16.86
C PHE A 173 -5.53 -1.72 15.95
N VAL A 174 -6.15 -1.35 14.82
CA VAL A 174 -5.58 -0.61 13.74
C VAL A 174 -5.53 0.88 13.98
N GLU A 175 -4.42 1.51 13.62
CA GLU A 175 -4.30 2.91 13.91
C GLU A 175 -4.43 3.25 15.48
N TYR A 176 -3.72 2.45 16.28
CA TYR A 176 -3.57 2.62 17.73
C TYR A 176 -2.06 2.88 17.77
N PHE A 177 -1.65 3.95 18.49
CA PHE A 177 -0.23 4.35 18.63
C PHE A 177 0.29 3.86 20.00
N ALA A 178 1.20 2.89 20.02
CA ALA A 178 1.70 2.38 21.28
C ALA A 178 2.58 3.48 21.95
N LEU A 179 2.39 3.72 23.25
CA LEU A 179 3.18 4.83 23.98
C LEU A 179 4.36 4.30 24.85
N ASP A 180 4.08 3.28 25.62
CA ASP A 180 5.10 2.68 26.45
C ASP A 180 4.74 1.25 26.76
N LEU A 181 5.70 0.55 27.36
CA LEU A 181 5.52 -0.81 27.84
C LEU A 181 4.97 -0.75 29.27
N LEU A 182 4.26 -1.78 29.66
CA LEU A 182 3.78 -1.83 31.04
C LEU A 182 4.75 -2.76 31.74
N MET A 183 5.69 -2.18 32.47
CA MET A 183 6.76 -2.94 33.16
C MET A 183 6.48 -3.13 34.62
N GLU A 184 6.81 -4.29 35.12
CA GLU A 184 6.71 -4.54 36.52
C GLU A 184 7.76 -5.56 36.97
N ASN A 185 8.68 -5.09 37.83
CA ASN A 185 9.67 -6.00 38.37
C ASN A 185 10.55 -6.64 37.32
N GLY A 186 10.98 -5.84 36.33
CA GLY A 186 11.84 -6.31 35.28
C GLY A 186 11.04 -7.13 34.25
N GLU A 187 9.72 -7.21 34.37
CA GLU A 187 8.96 -8.05 33.37
C GLU A 187 7.96 -7.27 32.56
N CYS A 188 7.71 -7.62 31.28
CA CYS A 188 6.74 -6.83 30.56
C CYS A 188 5.37 -7.43 30.80
N ARG A 189 4.43 -6.59 31.21
CA ARG A 189 3.02 -7.05 31.45
C ARG A 189 2.15 -6.49 30.31
N GLY A 190 2.72 -5.81 29.29
CA GLY A 190 1.88 -5.32 28.23
C GLY A 190 2.18 -3.92 27.72
N VAL A 191 1.16 -3.25 27.13
CA VAL A 191 1.47 -1.91 26.60
C VAL A 191 0.29 -0.97 26.74
N ILE A 192 0.60 0.31 26.66
CA ILE A 192 -0.45 1.34 26.75
C ILE A 192 -0.44 2.10 25.44
N ALA A 193 -1.64 2.37 24.92
CA ALA A 193 -1.77 3.03 23.62
C ALA A 193 -2.86 4.07 23.46
N LEU A 194 -2.67 4.87 22.44
CA LEU A 194 -3.66 5.86 22.10
C LEU A 194 -4.43 5.35 20.83
N CYS A 195 -5.76 5.18 20.95
CA CYS A 195 -6.66 4.86 19.82
C CYS A 195 -6.84 6.19 19.08
N ILE A 196 -6.20 6.31 17.92
CA ILE A 196 -6.23 7.56 17.16
C ILE A 196 -7.56 8.03 16.60
N GLU A 197 -8.48 7.09 16.36
CA GLU A 197 -9.79 7.36 15.81
C GLU A 197 -10.75 7.96 16.80
N ASP A 198 -10.70 7.56 18.05
CA ASP A 198 -11.64 8.16 18.94
C ASP A 198 -11.00 8.85 20.13
N GLY A 199 -9.69 9.09 20.09
CA GLY A 199 -9.01 9.73 21.21
C GLY A 199 -8.87 8.95 22.51
N THR A 200 -9.24 7.68 22.57
CA THR A 200 -9.13 6.97 23.84
C THR A 200 -7.79 6.26 24.13
N ILE A 201 -7.55 5.99 25.44
CA ILE A 201 -6.37 5.35 25.99
C ILE A 201 -6.73 3.91 26.34
N HIS A 202 -5.87 2.99 25.89
CA HIS A 202 -6.03 1.56 26.07
C HIS A 202 -4.79 0.92 26.65
N ARG A 203 -5.05 -0.04 27.57
CA ARG A 203 -3.97 -0.78 28.20
C ARG A 203 -4.29 -2.18 27.84
N PHE A 204 -3.30 -2.79 27.22
CA PHE A 204 -3.44 -4.19 26.80
C PHE A 204 -2.58 -5.04 27.70
N ARG A 205 -3.21 -5.84 28.55
CA ARG A 205 -2.41 -6.67 29.45
C ARG A 205 -2.20 -8.00 28.82
N ALA A 206 -1.03 -8.56 28.91
CA ALA A 206 -0.83 -9.88 28.31
C ALA A 206 0.40 -10.46 28.94
N LYS A 207 0.41 -11.77 28.89
CA LYS A 207 1.51 -12.47 29.46
C LYS A 207 2.78 -12.30 28.64
N ASN A 208 2.69 -12.02 27.35
CA ASN A 208 3.88 -11.83 26.52
C ASN A 208 3.68 -10.69 25.56
N THR A 209 4.73 -9.94 25.25
CA THR A 209 4.53 -8.77 24.35
C THR A 209 5.60 -8.83 23.29
N VAL A 210 5.23 -8.66 22.01
CA VAL A 210 6.21 -8.69 20.92
C VAL A 210 6.32 -7.31 20.27
N ILE A 211 7.55 -6.81 20.20
CA ILE A 211 7.77 -5.51 19.59
C ILE A 211 8.36 -5.62 18.23
N ALA A 212 7.60 -5.20 17.24
CA ALA A 212 8.02 -5.31 15.84
C ALA A 212 7.70 -4.02 15.13
N THR A 213 8.13 -2.94 15.76
CA THR A 213 7.83 -1.60 15.28
C THR A 213 8.68 -0.98 14.18
N GLY A 214 9.59 -1.68 13.55
CA GLY A 214 10.38 -0.97 12.51
C GLY A 214 11.63 -0.19 12.95
N GLY A 215 12.28 0.48 11.98
CA GLY A 215 13.52 1.18 12.25
C GLY A 215 13.28 2.71 12.49
N TYR A 216 14.34 3.51 12.41
CA TYR A 216 14.18 4.94 12.63
C TYR A 216 14.99 5.76 11.67
N GLY A 217 14.85 5.52 10.37
CA GLY A 217 15.60 6.27 9.34
C GLY A 217 15.29 7.76 9.32
N ARG A 218 14.15 8.11 9.87
CA ARG A 218 13.69 9.46 9.93
C ARG A 218 14.36 10.35 10.99
N THR A 219 15.37 9.86 11.66
CA THR A 219 16.14 10.66 12.58
C THR A 219 17.02 11.46 11.60
N TYR A 220 17.09 11.04 10.34
CA TYR A 220 17.90 11.71 9.34
C TYR A 220 17.09 12.62 8.41
N PHE A 221 17.78 13.51 7.71
CA PHE A 221 17.18 14.47 6.77
C PHE A 221 16.88 13.86 5.40
N SER A 222 17.64 12.91 5.00
CA SER A 222 17.33 12.31 3.73
C SER A 222 17.40 10.81 4.05
N CYS A 223 16.31 10.09 3.80
CA CYS A 223 16.24 8.66 4.06
C CYS A 223 15.29 7.93 3.10
N THR A 224 15.47 6.62 2.84
CA THR A 224 14.52 5.98 1.93
C THR A 224 13.27 5.66 2.71
N SER A 225 13.40 5.74 4.02
CA SER A 225 12.36 5.37 4.94
C SER A 225 11.11 6.17 4.83
N ALA A 226 9.99 5.53 5.20
CA ALA A 226 8.76 6.23 5.14
C ALA A 226 8.73 7.26 6.31
N HIS A 227 7.82 8.22 6.23
CA HIS A 227 7.62 9.24 7.27
C HIS A 227 7.30 8.55 8.57
N THR A 228 6.81 7.32 8.51
CA THR A 228 6.39 6.64 9.72
C THR A 228 7.43 5.79 10.40
N SER A 229 8.65 5.77 9.86
CA SER A 229 9.73 5.00 10.46
C SER A 229 10.35 5.91 11.55
N THR A 230 9.77 5.87 12.73
CA THR A 230 10.20 6.81 13.76
C THR A 230 10.67 6.22 15.07
N GLY A 231 11.07 4.94 15.00
CA GLY A 231 11.56 4.21 16.12
C GLY A 231 10.68 4.11 17.34
N ASP A 232 9.38 4.20 17.20
CA ASP A 232 8.56 4.20 18.43
C ASP A 232 8.76 3.04 19.41
N GLY A 233 8.98 1.83 18.90
CA GLY A 233 9.10 0.71 19.82
C GLY A 233 10.43 0.78 20.55
N THR A 234 11.44 1.24 19.83
CA THR A 234 12.77 1.38 20.35
C THR A 234 12.75 2.34 21.53
N ALA A 235 12.10 3.46 21.36
CA ALA A 235 11.98 4.49 22.39
C ALA A 235 11.21 3.84 23.54
N MET A 236 10.16 3.05 23.27
CA MET A 236 9.45 2.46 24.44
C MET A 236 10.40 1.64 25.34
N VAL A 237 11.30 0.89 24.70
CA VAL A 237 12.24 0.05 25.38
C VAL A 237 13.12 0.99 26.21
N THR A 238 13.70 2.01 25.55
CA THR A 238 14.50 2.99 26.22
C THR A 238 13.78 3.64 27.41
N ARG A 239 12.54 4.05 27.19
CA ARG A 239 11.83 4.67 28.28
C ARG A 239 11.67 3.70 29.39
N ALA A 240 11.70 2.40 29.07
CA ALA A 240 11.51 1.38 30.11
C ALA A 240 12.75 1.09 30.92
N GLY A 241 13.82 1.82 30.55
CA GLY A 241 15.08 1.67 31.22
C GLY A 241 15.84 0.43 30.73
N LEU A 242 15.45 -0.15 29.59
CA LEU A 242 16.14 -1.32 29.00
C LEU A 242 17.14 -0.74 27.99
N PRO A 243 18.14 -1.53 27.66
CA PRO A 243 19.19 -1.11 26.71
C PRO A 243 18.78 -1.37 25.30
N CYS A 244 19.29 -0.52 24.38
CA CYS A 244 19.12 -0.72 22.96
C CYS A 244 20.49 -1.15 22.58
N GLN A 245 20.72 -1.58 21.35
CA GLN A 245 22.03 -2.09 21.01
C GLN A 245 22.45 -1.71 19.62
N ASP A 246 23.75 -1.44 19.42
CA ASP A 246 24.33 -1.14 18.12
C ASP A 246 23.67 -0.08 17.32
N LEU A 247 22.92 0.79 17.99
CA LEU A 247 22.24 1.89 17.30
C LEU A 247 23.11 2.75 16.45
N GLU A 248 24.41 2.73 16.65
CA GLU A 248 25.30 3.62 15.84
C GLU A 248 25.49 3.07 14.43
N PHE A 249 25.17 1.79 14.25
CA PHE A 249 25.33 1.20 12.88
C PHE A 249 24.13 1.47 11.97
N VAL A 250 24.24 2.52 11.19
CA VAL A 250 23.18 2.94 10.33
C VAL A 250 23.56 2.60 8.92
N GLN A 251 22.67 1.95 8.17
CA GLN A 251 22.96 1.57 6.79
C GLN A 251 22.64 2.65 5.79
N PHE A 252 23.66 3.08 5.01
CA PHE A 252 23.39 4.00 3.90
C PHE A 252 23.32 3.04 2.71
N HIS A 253 22.16 3.00 2.05
CA HIS A 253 21.98 2.16 0.88
C HIS A 253 22.68 2.90 -0.26
N PRO A 254 23.46 2.19 -1.07
CA PRO A 254 24.18 2.86 -2.17
C PRO A 254 23.31 3.73 -3.03
N THR A 255 22.09 3.24 -3.31
CA THR A 255 21.22 3.98 -4.25
C THR A 255 19.80 4.51 -4.03
N GLY A 256 19.70 5.57 -3.22
CA GLY A 256 18.46 6.32 -3.06
C GLY A 256 18.54 7.29 -4.29
N ILE A 257 17.41 7.66 -4.89
CA ILE A 257 17.35 8.52 -6.07
C ILE A 257 17.66 9.94 -5.60
N TYR A 258 18.40 10.65 -6.41
CA TYR A 258 18.82 11.99 -6.04
C TYR A 258 17.63 12.90 -5.87
N GLY A 259 17.57 13.63 -4.76
CA GLY A 259 16.45 14.52 -4.57
C GLY A 259 15.39 13.93 -3.70
N ALA A 260 14.52 13.11 -4.27
CA ALA A 260 13.43 12.50 -3.44
C ALA A 260 13.91 11.51 -2.38
N GLY A 261 15.03 10.82 -2.64
CA GLY A 261 15.54 9.85 -1.70
C GLY A 261 14.95 8.44 -1.83
N CYS A 262 13.97 8.31 -2.72
CA CYS A 262 13.32 7.04 -2.99
C CYS A 262 14.33 5.97 -3.24
N LEU A 263 14.14 4.82 -2.63
CA LEU A 263 15.03 3.72 -2.89
C LEU A 263 15.05 3.26 -4.38
N ILE A 264 16.23 2.96 -4.92
CA ILE A 264 16.29 2.35 -6.28
C ILE A 264 16.95 1.00 -6.00
N THR A 265 16.25 -0.09 -6.20
CA THR A 265 16.83 -1.38 -5.80
C THR A 265 18.26 -1.76 -6.21
N GLU A 266 18.94 -2.50 -5.31
CA GLU A 266 20.24 -3.08 -5.54
C GLU A 266 20.00 -4.20 -6.60
N GLY A 267 18.75 -4.58 -6.85
CA GLY A 267 18.43 -5.56 -7.88
C GLY A 267 18.89 -5.03 -9.24
N CYS A 268 18.84 -3.72 -9.40
CA CYS A 268 19.33 -3.08 -10.64
C CYS A 268 20.79 -3.56 -10.95
N ARG A 269 21.67 -3.49 -9.96
CA ARG A 269 23.06 -3.95 -10.09
C ARG A 269 23.12 -5.49 -10.07
N GLY A 270 22.23 -6.16 -9.30
CA GLY A 270 22.20 -7.61 -9.34
C GLY A 270 21.86 -8.13 -10.79
N GLU A 271 21.08 -7.37 -11.56
CA GLU A 271 20.67 -7.74 -12.91
C GLU A 271 21.64 -7.22 -14.01
N GLY A 272 22.75 -6.59 -13.59
CA GLY A 272 23.76 -6.08 -14.52
C GLY A 272 23.96 -4.56 -14.59
N GLY A 273 23.19 -3.79 -13.84
CA GLY A 273 23.39 -2.36 -13.88
C GLY A 273 24.74 -2.00 -13.30
N ILE A 274 25.25 -0.78 -13.56
CA ILE A 274 26.56 -0.33 -13.02
C ILE A 274 26.56 1.13 -12.55
N LEU A 275 27.46 1.44 -11.62
CA LEU A 275 27.62 2.80 -11.12
C LEU A 275 28.73 3.50 -11.94
N ILE A 276 28.46 4.73 -12.32
CA ILE A 276 29.38 5.46 -13.17
C ILE A 276 29.66 6.86 -12.64
N ASN A 277 30.92 7.32 -12.64
CA ASN A 277 31.09 8.68 -12.15
C ASN A 277 31.06 9.67 -13.29
N SER A 278 31.26 10.95 -12.96
CA SER A 278 31.23 11.97 -13.98
C SER A 278 32.24 11.76 -15.13
N GLN A 279 33.16 10.83 -15.01
CA GLN A 279 34.09 10.62 -16.09
C GLN A 279 33.76 9.37 -16.86
N GLY A 280 32.63 8.74 -16.53
CA GLY A 280 32.23 7.50 -17.20
C GLY A 280 32.95 6.24 -16.68
N GLU A 281 33.72 6.38 -15.62
CA GLU A 281 34.44 5.23 -15.06
C GLU A 281 33.42 4.38 -14.22
N ARG A 282 33.52 3.05 -14.32
CA ARG A 282 32.75 2.12 -13.50
C ARG A 282 33.68 1.99 -12.31
N PHE A 283 33.71 3.04 -11.49
CA PHE A 283 34.64 3.09 -10.36
C PHE A 283 34.70 1.92 -9.37
N MET A 284 33.63 1.15 -9.29
CA MET A 284 33.68 0.03 -8.38
C MET A 284 34.69 -1.02 -8.87
N GLU A 285 35.00 -1.09 -10.17
CA GLU A 285 36.02 -2.07 -10.64
C GLU A 285 37.34 -1.68 -9.97
N ARG A 286 37.46 -0.42 -9.62
CA ARG A 286 38.65 0.03 -8.97
C ARG A 286 38.61 -0.25 -7.43
N TYR A 287 37.54 0.17 -6.76
CA TYR A 287 37.40 -0.05 -5.31
C TYR A 287 37.17 -1.51 -4.85
N ALA A 288 36.63 -2.37 -5.70
CA ALA A 288 36.32 -3.75 -5.32
C ALA A 288 36.42 -4.56 -6.61
N PRO A 289 37.65 -4.78 -7.08
CA PRO A 289 37.89 -5.53 -8.32
C PRO A 289 37.15 -6.82 -8.49
N VAL A 290 36.96 -7.60 -7.46
CA VAL A 290 36.17 -8.80 -7.69
C VAL A 290 34.61 -8.55 -7.71
N ALA A 291 34.08 -8.05 -6.59
CA ALA A 291 32.63 -7.80 -6.43
C ALA A 291 32.08 -6.65 -7.26
N LYS A 292 32.91 -5.64 -7.50
CA LYS A 292 32.53 -4.48 -8.27
C LYS A 292 31.25 -3.82 -7.75
N ASP A 293 30.21 -3.70 -8.57
CA ASP A 293 29.03 -3.02 -8.05
C ASP A 293 28.21 -3.91 -7.08
N LEU A 294 28.58 -5.19 -6.94
CA LEU A 294 27.94 -6.10 -6.01
C LEU A 294 28.74 -6.33 -4.70
N ALA A 295 29.50 -5.34 -4.30
CA ALA A 295 30.24 -5.49 -3.06
C ALA A 295 29.26 -5.13 -1.95
N SER A 296 29.70 -5.17 -0.69
CA SER A 296 28.79 -4.86 0.42
C SER A 296 28.38 -3.43 0.35
N ARG A 297 27.26 -3.12 0.99
CA ARG A 297 26.72 -1.77 0.94
C ARG A 297 27.61 -0.72 1.63
N ASP A 298 28.10 -1.05 2.84
CA ASP A 298 28.98 -0.12 3.55
C ASP A 298 30.15 0.31 2.62
N VAL A 299 30.65 -0.62 1.80
CA VAL A 299 31.79 -0.35 0.88
C VAL A 299 31.47 0.52 -0.35
N VAL A 300 30.43 0.12 -1.10
CA VAL A 300 29.97 0.85 -2.29
C VAL A 300 29.58 2.26 -1.85
N SER A 301 28.87 2.36 -0.75
CA SER A 301 28.45 3.68 -0.26
C SER A 301 29.66 4.54 0.09
N ARG A 302 30.67 3.95 0.72
CA ARG A 302 31.89 4.73 1.05
C ARG A 302 32.61 5.15 -0.23
N SER A 303 32.70 4.23 -1.20
CA SER A 303 33.34 4.52 -2.48
C SER A 303 32.64 5.67 -3.23
N MET A 304 31.32 5.55 -3.36
CA MET A 304 30.57 6.54 -4.09
C MET A 304 30.81 7.85 -3.41
N THR A 305 30.69 7.85 -2.07
CA THR A 305 30.88 9.07 -1.29
C THR A 305 32.32 9.61 -1.55
N ILE A 306 33.30 8.73 -1.71
CA ILE A 306 34.67 9.21 -1.96
C ILE A 306 34.74 9.90 -3.33
N GLU A 307 34.17 9.26 -4.35
CA GLU A 307 34.12 9.81 -5.70
C GLU A 307 33.54 11.22 -5.76
N ILE A 308 32.52 11.49 -4.94
CA ILE A 308 31.90 12.80 -4.96
C ILE A 308 32.74 13.92 -4.29
N ARG A 309 33.31 13.66 -3.12
CA ARG A 309 34.13 14.70 -2.46
C ARG A 309 35.50 14.90 -3.20
N GLU A 310 35.86 13.94 -4.04
CA GLU A 310 37.09 14.02 -4.81
C GLU A 310 36.78 14.61 -6.19
N GLY A 311 35.66 15.29 -6.33
CA GLY A 311 35.39 15.87 -7.62
C GLY A 311 34.78 15.11 -8.78
N ARG A 312 34.72 13.79 -8.75
CA ARG A 312 34.05 13.11 -9.87
C ARG A 312 32.49 12.99 -9.74
N GLY A 313 31.86 13.89 -8.96
CA GLY A 313 30.41 13.89 -8.78
C GLY A 313 29.69 14.23 -10.07
N CYS A 314 28.44 13.78 -10.24
CA CYS A 314 27.66 14.06 -11.47
C CYS A 314 26.55 15.04 -11.20
N GLY A 315 25.94 15.55 -12.27
CA GLY A 315 24.86 16.53 -12.13
C GLY A 315 25.43 17.93 -12.05
N PRO A 316 24.60 18.97 -12.13
CA PRO A 316 25.10 20.35 -12.06
C PRO A 316 25.88 20.78 -10.83
N GLU A 317 25.68 20.08 -9.72
CA GLU A 317 26.39 20.38 -8.48
C GLU A 317 27.47 19.34 -8.24
N LYS A 318 27.68 18.43 -9.18
CA LYS A 318 28.69 17.40 -8.98
C LYS A 318 28.42 16.78 -7.57
N ASP A 319 27.18 16.39 -7.28
CA ASP A 319 26.89 15.88 -5.97
C ASP A 319 26.22 14.48 -5.89
N HIS A 320 26.33 13.70 -6.95
CA HIS A 320 25.75 12.35 -6.98
C HIS A 320 26.41 11.52 -8.06
N VAL A 321 25.97 10.28 -8.25
CA VAL A 321 26.55 9.51 -9.35
C VAL A 321 25.51 8.86 -10.19
N TYR A 322 25.92 8.09 -11.16
CA TYR A 322 24.94 7.55 -12.05
C TYR A 322 24.73 6.09 -11.89
N LEU A 323 23.46 5.65 -11.87
CA LEU A 323 23.22 4.24 -11.88
C LEU A 323 22.80 3.99 -13.36
N GLN A 324 23.57 3.21 -14.05
CA GLN A 324 23.22 3.03 -15.46
C GLN A 324 22.56 1.69 -15.79
N LEU A 325 21.38 1.69 -16.39
CA LEU A 325 20.76 0.39 -16.74
C LEU A 325 20.55 0.32 -18.25
N HIS A 326 20.65 1.44 -18.96
CA HIS A 326 20.31 1.41 -20.40
C HIS A 326 21.03 0.41 -21.29
N HIS A 327 22.08 -0.22 -20.84
CA HIS A 327 22.71 -1.18 -21.69
C HIS A 327 22.04 -2.52 -21.62
N LEU A 328 21.11 -2.69 -20.66
CA LEU A 328 20.44 -3.99 -20.54
C LEU A 328 19.27 -4.07 -21.51
N PRO A 329 18.92 -5.26 -21.95
CA PRO A 329 17.77 -5.27 -22.89
C PRO A 329 16.48 -4.66 -22.26
N PRO A 330 15.67 -4.00 -23.08
CA PRO A 330 14.48 -3.47 -22.40
C PRO A 330 13.52 -4.51 -21.81
N GLN A 331 13.38 -5.71 -22.40
CA GLN A 331 12.43 -6.68 -21.82
C GLN A 331 12.81 -7.02 -20.38
N GLN A 332 14.12 -7.12 -20.14
CA GLN A 332 14.68 -7.47 -18.84
C GLN A 332 14.33 -6.36 -17.83
N LEU A 333 14.44 -5.13 -18.26
CA LEU A 333 14.15 -4.05 -17.36
C LEU A 333 12.66 -4.09 -17.07
N ALA A 334 11.83 -4.42 -18.09
CA ALA A 334 10.35 -4.42 -17.90
C ALA A 334 9.89 -5.60 -16.98
N THR A 335 10.61 -6.71 -17.09
CA THR A 335 10.33 -7.89 -16.33
C THR A 335 10.96 -7.98 -14.94
N ARG A 336 12.21 -7.53 -14.85
CA ARG A 336 12.87 -7.65 -13.60
C ARG A 336 12.80 -6.38 -12.78
N LEU A 337 12.69 -5.25 -13.48
CA LEU A 337 12.70 -3.96 -12.81
C LEU A 337 11.58 -2.99 -13.14
N PRO A 338 10.31 -3.48 -13.16
CA PRO A 338 9.26 -2.51 -13.48
C PRO A 338 9.01 -1.36 -12.43
N GLY A 339 9.05 -1.65 -11.13
CA GLY A 339 8.76 -0.56 -10.18
C GLY A 339 9.71 0.65 -10.25
N ILE A 340 11.01 0.36 -10.26
CA ILE A 340 11.99 1.42 -10.35
C ILE A 340 11.93 2.08 -11.72
N SER A 341 11.53 1.34 -12.75
CA SER A 341 11.42 1.95 -14.05
C SER A 341 10.43 3.09 -13.97
N GLU A 342 9.29 2.79 -13.36
CA GLU A 342 8.28 3.79 -13.20
C GLU A 342 8.79 4.94 -12.24
N THR A 343 9.37 4.57 -11.09
CA THR A 343 9.83 5.52 -10.08
C THR A 343 10.88 6.52 -10.62
N ALA A 344 11.88 6.01 -11.33
CA ALA A 344 12.91 6.83 -11.99
C ALA A 344 12.26 7.96 -12.80
N MET A 345 11.25 7.59 -13.57
CA MET A 345 10.54 8.54 -14.40
C MET A 345 9.71 9.54 -13.56
N ILE A 346 8.77 9.05 -12.70
CA ILE A 346 8.05 9.96 -11.86
C ILE A 346 8.99 10.90 -11.01
N PHE A 347 10.04 10.38 -10.37
CA PHE A 347 10.86 11.25 -9.50
C PHE A 347 12.15 11.84 -10.02
N ALA A 348 12.55 11.48 -11.23
CA ALA A 348 13.77 12.03 -11.80
C ALA A 348 13.61 12.31 -13.28
N GLY A 349 12.41 12.01 -13.79
CA GLY A 349 12.14 12.17 -15.20
C GLY A 349 13.07 11.29 -16.04
N VAL A 350 13.62 10.22 -15.51
CA VAL A 350 14.54 9.45 -16.34
C VAL A 350 13.84 8.26 -16.98
N ASP A 351 14.16 7.97 -18.25
CA ASP A 351 13.68 6.79 -19.04
C ASP A 351 14.88 5.89 -18.91
N VAL A 352 14.78 4.92 -18.02
CA VAL A 352 15.92 4.00 -17.75
C VAL A 352 16.40 3.19 -18.96
N THR A 353 15.69 3.22 -20.11
CA THR A 353 16.20 2.48 -21.27
C THR A 353 17.10 3.47 -22.09
N LYS A 354 17.19 4.72 -21.62
CA LYS A 354 17.96 5.76 -22.32
C LYS A 354 18.94 6.50 -21.46
N GLU A 355 18.55 6.85 -20.25
CA GLU A 355 19.45 7.61 -19.45
C GLU A 355 19.66 7.01 -18.04
N PRO A 356 20.85 7.25 -17.44
CA PRO A 356 21.19 6.75 -16.10
C PRO A 356 20.34 7.41 -15.01
N ILE A 357 20.16 6.74 -13.86
CA ILE A 357 19.35 7.30 -12.79
C ILE A 357 20.31 8.04 -11.86
N PRO A 358 19.95 9.26 -11.40
CA PRO A 358 20.86 9.98 -10.50
C PRO A 358 20.62 9.41 -9.12
N VAL A 359 21.70 8.98 -8.48
CA VAL A 359 21.68 8.32 -7.21
C VAL A 359 22.76 8.75 -6.27
N LEU A 360 22.49 8.57 -5.00
CA LEU A 360 23.41 8.90 -3.92
C LEU A 360 23.09 7.97 -2.67
N PRO A 361 24.11 7.59 -1.89
CA PRO A 361 24.00 6.75 -0.67
C PRO A 361 22.95 7.40 0.19
N THR A 362 21.99 6.63 0.73
CA THR A 362 20.92 7.30 1.52
C THR A 362 20.59 6.48 2.72
N VAL A 363 20.45 7.13 3.85
CA VAL A 363 20.05 6.41 5.07
C VAL A 363 18.81 5.53 4.71
N HIS A 364 18.95 4.26 5.03
CA HIS A 364 18.00 3.23 4.69
C HIS A 364 17.50 2.24 5.74
N TYR A 365 18.40 1.78 6.58
CA TYR A 365 18.02 0.73 7.48
C TYR A 365 18.83 0.78 8.79
N ASN A 366 18.17 0.40 9.86
CA ASN A 366 18.85 0.31 11.15
C ASN A 366 19.33 -1.13 11.57
N MET A 367 20.64 -1.28 11.53
CA MET A 367 21.21 -2.54 11.99
C MET A 367 20.99 -2.74 13.49
N GLY A 368 21.02 -1.66 14.26
CA GLY A 368 20.89 -1.82 15.69
C GLY A 368 19.46 -1.93 16.11
N GLY A 369 19.18 -2.13 17.42
CA GLY A 369 17.80 -2.14 17.88
C GLY A 369 17.69 -2.73 19.25
N ILE A 370 16.48 -3.19 19.59
CA ILE A 370 16.25 -3.84 20.87
C ILE A 370 17.03 -5.21 20.83
N PRO A 371 18.00 -5.44 21.79
CA PRO A 371 18.71 -6.71 21.74
C PRO A 371 17.85 -7.90 22.15
N THR A 372 18.08 -9.01 21.44
CA THR A 372 17.37 -10.24 21.73
C THR A 372 18.33 -11.39 21.59
N ASN A 373 17.94 -12.58 22.10
CA ASN A 373 18.69 -13.79 21.82
C ASN A 373 18.15 -14.29 20.44
N TYR A 374 18.68 -15.41 19.96
CA TYR A 374 18.26 -15.91 18.63
C TYR A 374 16.81 -16.43 18.59
N LYS A 375 16.20 -16.48 19.78
CA LYS A 375 14.84 -16.91 19.91
C LYS A 375 13.92 -15.71 19.93
N GLY A 376 14.43 -14.49 19.65
CA GLY A 376 13.51 -13.33 19.68
C GLY A 376 13.27 -12.75 21.09
N GLN A 377 13.80 -13.34 22.17
CA GLN A 377 13.58 -12.73 23.49
C GLN A 377 14.51 -11.55 23.76
N VAL A 378 13.91 -10.45 24.18
CA VAL A 378 14.71 -9.26 24.53
C VAL A 378 15.59 -9.58 25.74
N ILE A 379 16.83 -9.11 25.72
CA ILE A 379 17.70 -9.36 26.83
C ILE A 379 18.20 -8.04 27.35
N THR A 380 18.61 -8.15 28.59
CA THR A 380 19.19 -7.09 29.37
C THR A 380 20.62 -7.72 29.64
N HIS A 381 21.55 -6.95 30.15
CA HIS A 381 22.90 -7.50 30.38
C HIS A 381 23.46 -6.88 31.72
N VAL A 382 23.55 -7.70 32.76
CA VAL A 382 23.93 -7.33 34.12
C VAL A 382 25.17 -8.05 34.61
N ASN A 383 26.17 -7.28 34.93
CA ASN A 383 27.33 -7.92 35.44
C ASN A 383 27.86 -8.94 34.49
N GLY A 384 27.90 -8.67 33.20
CA GLY A 384 28.50 -9.68 32.33
C GLY A 384 27.61 -10.81 31.84
N GLU A 385 26.35 -10.78 32.17
CA GLU A 385 25.53 -11.83 31.61
C GLU A 385 24.22 -11.36 30.97
N ASP A 386 23.83 -12.09 29.92
CA ASP A 386 22.59 -11.78 29.22
C ASP A 386 21.48 -12.37 30.02
N LYS A 387 20.41 -11.60 30.21
CA LYS A 387 19.26 -12.14 30.92
C LYS A 387 18.06 -11.76 30.09
N VAL A 388 17.18 -12.75 29.83
CA VAL A 388 16.05 -12.44 29.06
C VAL A 388 15.15 -11.61 29.93
N VAL A 389 14.42 -10.71 29.31
CA VAL A 389 13.43 -9.87 29.98
C VAL A 389 12.13 -10.72 29.89
N PRO A 390 11.64 -11.21 31.03
CA PRO A 390 10.42 -12.05 30.92
C PRO A 390 9.25 -11.34 30.28
N GLY A 391 8.57 -12.03 29.34
CA GLY A 391 7.39 -11.38 28.72
C GLY A 391 7.67 -10.41 27.55
N LEU A 392 8.90 -10.24 27.11
CA LEU A 392 9.12 -9.24 26.05
C LEU A 392 9.96 -9.83 24.92
N TYR A 393 9.50 -9.66 23.68
CA TYR A 393 10.18 -10.23 22.52
C TYR A 393 10.33 -9.11 21.54
N ALA A 394 11.27 -9.19 20.61
CA ALA A 394 11.33 -8.14 19.55
C ALA A 394 11.81 -8.88 18.26
N CYS A 395 11.33 -8.45 17.08
CA CYS A 395 11.80 -9.09 15.82
C CYS A 395 11.69 -8.06 14.73
N GLY A 396 12.35 -8.28 13.61
CA GLY A 396 12.28 -7.30 12.50
C GLY A 396 13.31 -6.20 12.62
N GLU A 397 13.23 -5.16 11.84
CA GLU A 397 14.24 -4.10 11.95
C GLU A 397 14.31 -3.46 13.35
N ALA A 398 13.27 -3.60 14.17
CA ALA A 398 13.35 -2.96 15.50
C ALA A 398 14.26 -3.75 16.43
N ALA A 399 14.62 -4.99 16.03
CA ALA A 399 15.46 -5.83 16.86
C ALA A 399 16.92 -5.86 16.43
N SER A 400 17.76 -6.30 17.38
CA SER A 400 19.19 -6.57 17.12
C SER A 400 19.40 -7.95 17.73
N ALA A 401 19.19 -8.98 16.90
CA ALA A 401 19.29 -10.37 17.30
C ALA A 401 20.72 -10.94 17.55
N SER A 402 21.75 -10.47 16.89
CA SER A 402 21.78 -9.46 15.86
C SER A 402 22.22 -10.28 14.62
N VAL A 403 21.36 -10.47 13.62
CA VAL A 403 21.82 -11.25 12.46
C VAL A 403 22.58 -10.32 11.50
N HIS A 404 22.55 -9.02 11.70
CA HIS A 404 23.24 -8.14 10.74
C HIS A 404 24.49 -7.41 11.20
N GLY A 405 24.82 -7.52 12.48
CA GLY A 405 26.02 -6.87 13.01
C GLY A 405 26.29 -5.45 12.58
N ALA A 406 27.41 -5.20 11.87
CA ALA A 406 27.75 -3.85 11.49
C ALA A 406 27.35 -3.52 10.10
N ASN A 407 26.79 -4.49 9.36
CA ASN A 407 26.40 -4.12 8.02
C ASN A 407 25.52 -5.23 7.50
N ARG A 408 24.33 -4.85 7.06
CA ARG A 408 23.40 -5.83 6.58
C ARG A 408 23.51 -6.11 5.14
N LEU A 409 23.46 -7.39 4.73
CA LEU A 409 23.39 -7.78 3.29
C LEU A 409 21.97 -7.50 2.73
N GLY A 410 21.88 -6.94 1.50
CA GLY A 410 20.59 -6.74 0.91
C GLY A 410 19.84 -8.10 0.83
N ALA A 411 18.51 -8.05 0.97
CA ALA A 411 17.59 -9.20 0.93
C ALA A 411 17.64 -10.04 2.12
N ASN A 412 18.35 -9.57 3.13
CA ASN A 412 18.40 -10.32 4.42
C ASN A 412 17.42 -9.76 5.45
N SER A 413 16.90 -8.55 5.24
CA SER A 413 15.93 -8.04 6.24
C SER A 413 14.51 -8.70 6.13
N LEU A 414 13.98 -8.79 4.90
CA LEU A 414 12.68 -9.44 4.76
C LEU A 414 12.74 -10.84 5.27
N LEU A 415 13.90 -11.47 5.17
CA LEU A 415 14.08 -12.85 5.65
C LEU A 415 13.98 -12.82 7.19
N ASP A 416 14.79 -11.92 7.74
CA ASP A 416 14.85 -11.75 9.20
C ASP A 416 13.38 -11.53 9.69
N LEU A 417 12.61 -10.69 9.02
CA LEU A 417 11.24 -10.46 9.46
C LEU A 417 10.45 -11.68 9.67
N VAL A 418 10.40 -12.53 8.61
CA VAL A 418 9.60 -13.69 8.76
C VAL A 418 10.18 -14.77 9.63
N VAL A 419 11.50 -14.95 9.59
CA VAL A 419 12.12 -15.95 10.43
C VAL A 419 12.01 -15.61 11.93
N PHE A 420 12.28 -14.36 12.34
CA PHE A 420 12.12 -14.06 13.79
C PHE A 420 10.70 -13.77 14.30
N GLY A 421 9.82 -13.35 13.37
CA GLY A 421 8.47 -13.12 13.77
C GLY A 421 7.92 -14.51 14.03
N ARG A 422 8.28 -15.51 13.20
CA ARG A 422 7.79 -16.87 13.47
C ARG A 422 8.49 -17.35 14.70
N ALA A 423 9.81 -17.04 14.78
CA ALA A 423 10.51 -17.49 16.00
C ALA A 423 9.85 -17.00 17.32
N CYS A 424 9.44 -15.73 17.42
CA CYS A 424 8.83 -15.32 18.70
C CYS A 424 7.60 -16.16 19.01
N ALA A 425 6.82 -16.47 17.97
CA ALA A 425 5.61 -17.23 18.20
C ALA A 425 6.01 -18.63 18.65
N LEU A 426 7.05 -19.20 18.06
CA LEU A 426 7.42 -20.57 18.44
C LEU A 426 7.91 -20.57 19.90
N THR A 427 8.80 -19.66 20.21
CA THR A 427 9.32 -19.60 21.58
C THR A 427 8.19 -19.39 22.62
N ILE A 428 7.25 -18.49 22.37
CA ILE A 428 6.21 -18.29 23.32
C ILE A 428 5.44 -19.59 23.52
N ALA A 429 5.20 -20.31 22.43
CA ALA A 429 4.44 -21.56 22.41
C ALA A 429 5.14 -22.71 23.15
N GLU A 430 6.48 -22.70 23.20
CA GLU A 430 7.11 -23.76 23.95
C GLU A 430 7.30 -23.33 25.41
N THR A 431 7.05 -22.09 25.73
CA THR A 431 7.27 -21.57 27.05
C THR A 431 5.99 -21.35 27.84
N CYS A 432 4.88 -21.13 27.13
CA CYS A 432 3.64 -20.80 27.83
C CYS A 432 2.55 -21.59 27.28
N LYS A 433 1.43 -21.40 27.94
CA LYS A 433 0.27 -22.08 27.46
C LYS A 433 -0.83 -21.01 27.31
N PRO A 434 -1.64 -21.12 26.25
CA PRO A 434 -2.71 -20.18 26.08
C PRO A 434 -3.63 -20.19 27.33
N GLY A 435 -4.15 -19.02 27.69
CA GLY A 435 -5.04 -18.99 28.81
C GLY A 435 -4.39 -18.88 30.19
N GLU A 436 -3.08 -18.98 30.31
CA GLU A 436 -2.54 -18.84 31.66
C GLU A 436 -3.02 -17.47 32.14
N PRO A 437 -3.24 -17.35 33.45
CA PRO A 437 -3.71 -16.11 34.09
C PRO A 437 -2.81 -14.95 33.68
N VAL A 438 -3.41 -13.84 33.30
CA VAL A 438 -2.63 -12.72 32.87
C VAL A 438 -2.39 -11.88 34.07
N PRO A 439 -1.15 -11.50 34.24
CA PRO A 439 -0.64 -10.69 35.34
C PRO A 439 -1.34 -9.34 35.54
N SER A 440 -1.67 -9.08 36.81
CA SER A 440 -2.25 -7.82 37.22
C SER A 440 -1.22 -6.65 36.92
N ILE A 441 -1.73 -5.42 37.02
CA ILE A 441 -0.95 -4.23 36.82
C ILE A 441 -1.55 -3.30 37.81
N LYS A 442 -0.71 -2.60 38.55
CA LYS A 442 -1.22 -1.63 39.51
C LYS A 442 -2.33 -0.77 38.84
N PRO A 443 -3.42 -0.44 39.57
CA PRO A 443 -4.48 0.37 38.95
C PRO A 443 -4.02 1.56 38.07
N ASN A 444 -2.90 2.20 38.40
CA ASN A 444 -2.43 3.36 37.63
C ASN A 444 -1.21 3.07 36.70
N ALA A 445 -1.09 1.83 36.25
CA ALA A 445 0.00 1.56 35.33
C ALA A 445 -0.30 2.40 34.12
N GLY A 446 0.71 3.10 33.63
CA GLY A 446 0.59 3.86 32.43
C GLY A 446 0.26 5.30 32.56
N GLU A 447 -0.17 5.67 33.76
CA GLU A 447 -0.58 7.05 33.96
C GLU A 447 0.48 8.04 33.50
N GLU A 448 1.78 7.73 33.58
CA GLU A 448 2.73 8.71 33.15
C GLU A 448 2.73 8.87 31.64
N SER A 449 2.36 7.82 30.90
CA SER A 449 2.27 7.94 29.45
C SER A 449 1.16 8.94 29.09
N VAL A 450 0.07 8.84 29.82
CA VAL A 450 -1.05 9.73 29.57
C VAL A 450 -0.58 11.14 29.93
N ALA A 451 0.07 11.31 31.10
CA ALA A 451 0.57 12.62 31.49
C ALA A 451 1.39 13.23 30.39
N ASN A 452 2.40 12.53 29.90
CA ASN A 452 3.23 13.09 28.81
C ASN A 452 2.32 13.47 27.59
N LEU A 453 1.40 12.56 27.24
CA LEU A 453 0.57 12.81 26.04
C LEU A 453 -0.20 14.11 26.26
N ASP A 454 -0.83 14.20 27.42
CA ASP A 454 -1.60 15.43 27.72
C ASP A 454 -0.81 16.73 27.65
N LYS A 455 0.42 16.63 28.11
CA LYS A 455 1.37 17.73 28.12
C LYS A 455 1.77 18.14 26.72
N LEU A 456 1.91 17.20 25.78
CA LEU A 456 2.27 17.58 24.37
C LEU A 456 1.12 18.19 23.58
N ARG A 457 -0.08 17.74 23.90
CA ARG A 457 -1.34 18.22 23.30
C ARG A 457 -1.52 19.72 23.45
N PHE A 458 -1.29 20.16 24.69
CA PHE A 458 -1.46 21.54 25.03
C PHE A 458 -0.17 22.33 24.98
N ALA A 459 0.90 21.68 24.55
CA ALA A 459 2.17 22.39 24.47
C ALA A 459 2.05 23.75 23.77
N ASP A 460 2.60 24.77 24.42
CA ASP A 460 2.52 26.11 23.84
C ASP A 460 3.84 26.90 23.92
N GLY A 461 4.96 26.25 23.65
CA GLY A 461 6.23 26.97 23.72
C GLY A 461 6.59 27.82 22.51
N THR A 462 7.88 27.90 22.17
CA THR A 462 8.40 28.70 21.07
C THR A 462 9.01 27.92 19.90
N ILE A 463 9.27 26.61 20.10
CA ILE A 463 9.81 25.77 19.02
C ILE A 463 8.78 24.75 18.65
N ARG A 464 8.21 24.90 17.43
CA ARG A 464 7.18 23.96 16.94
C ARG A 464 7.81 22.59 16.52
N THR A 465 7.01 21.55 16.76
CA THR A 465 7.42 20.18 16.41
C THR A 465 8.17 20.08 15.11
N SER A 466 7.64 20.53 14.00
CA SER A 466 8.42 20.42 12.75
C SER A 466 9.78 21.09 12.77
N GLU A 467 9.94 22.03 13.69
CA GLU A 467 11.19 22.76 13.72
C GLU A 467 12.26 21.96 14.47
N ALA A 468 11.85 21.44 15.61
CA ALA A 468 12.74 20.64 16.44
C ALA A 468 13.13 19.43 15.59
N ARG A 469 12.15 18.76 14.94
CA ARG A 469 12.47 17.63 14.07
C ARG A 469 13.48 18.00 12.97
N LEU A 470 13.25 19.08 12.23
CA LEU A 470 14.22 19.37 11.18
C LEU A 470 15.57 19.64 11.80
N ASN A 471 15.58 20.17 13.04
CA ASN A 471 16.83 20.43 13.68
C ASN A 471 17.58 19.12 13.87
N MET A 472 16.92 18.15 14.51
CA MET A 472 17.52 16.83 14.71
C MET A 472 17.93 16.20 13.41
N GLN A 473 17.19 16.41 12.31
CA GLN A 473 17.56 15.68 11.07
C GLN A 473 18.78 16.14 10.42
N LYS A 474 18.93 17.46 10.33
CA LYS A 474 20.10 18.07 9.71
C LYS A 474 21.34 17.85 10.57
N THR A 475 21.12 17.71 11.87
CA THR A 475 22.27 17.47 12.76
C THR A 475 22.85 16.03 12.51
N MET A 476 21.96 15.04 12.47
CA MET A 476 22.44 13.67 12.26
C MET A 476 22.99 13.62 10.87
N GLN A 477 22.35 14.31 9.96
CA GLN A 477 22.83 14.26 8.57
C GLN A 477 24.27 14.75 8.37
N SER A 478 24.68 15.80 9.07
CA SER A 478 26.06 16.25 8.81
C SER A 478 27.07 15.84 9.89
N HIS A 479 26.57 15.34 11.01
CA HIS A 479 27.49 14.91 12.04
C HIS A 479 27.61 13.35 12.22
N ALA A 480 26.73 12.55 11.55
CA ALA A 480 26.75 11.08 11.76
C ALA A 480 26.46 10.42 10.46
N ALA A 481 27.23 10.82 9.46
CA ALA A 481 27.11 10.37 8.07
C ALA A 481 28.00 9.21 7.73
N VAL A 482 28.20 8.97 6.41
CA VAL A 482 29.02 7.84 5.94
C VAL A 482 30.42 7.80 6.59
N PHE A 483 31.19 8.91 6.44
CA PHE A 483 32.51 9.06 7.10
C PHE A 483 32.32 9.96 8.33
N ARG A 484 32.91 9.59 9.46
CA ARG A 484 32.74 10.33 10.71
C ARG A 484 34.12 10.56 11.37
N THR A 485 34.13 11.48 12.33
CA THR A 485 35.31 11.82 13.15
C THR A 485 34.83 12.31 14.50
N GLY A 486 35.72 12.15 15.47
CA GLY A 486 35.40 12.55 16.85
C GLY A 486 34.88 13.96 17.02
N SER A 487 35.56 14.92 16.37
CA SER A 487 35.21 16.35 16.54
C SER A 487 33.82 16.61 16.03
N ILE A 488 33.54 16.10 14.84
CA ILE A 488 32.24 16.27 14.25
C ILE A 488 31.14 15.51 15.05
N LEU A 489 31.45 14.32 15.50
CA LEU A 489 30.53 13.49 16.26
C LEU A 489 30.15 14.13 17.60
N GLN A 490 31.20 14.71 18.23
CA GLN A 490 31.12 15.47 19.53
C GLN A 490 30.24 16.78 19.36
N GLU A 491 30.49 17.45 18.25
CA GLU A 491 29.69 18.60 17.98
C GLU A 491 28.22 18.13 17.84
N GLY A 492 28.04 17.03 17.07
CA GLY A 492 26.70 16.56 16.82
C GLY A 492 26.05 16.19 18.12
N CYS A 493 26.83 15.61 19.02
CA CYS A 493 26.29 15.15 20.28
C CYS A 493 25.80 16.28 21.11
N GLU A 494 26.59 17.34 21.08
CA GLU A 494 26.18 18.42 21.90
C GLU A 494 25.00 19.18 21.30
N LYS A 495 24.97 19.31 19.96
CA LYS A 495 23.83 19.93 19.30
C LYS A 495 22.57 19.09 19.60
N LEU A 496 22.67 17.73 19.52
CA LEU A 496 21.48 16.91 19.83
C LEU A 496 21.07 17.03 21.26
N SER A 497 22.07 17.03 22.15
CA SER A 497 21.66 17.11 23.57
C SER A 497 20.95 18.42 23.86
N GLN A 498 21.36 19.45 23.11
CA GLN A 498 20.71 20.77 23.29
C GLN A 498 19.25 20.72 22.74
N ILE A 499 19.10 20.14 21.52
CA ILE A 499 17.80 20.06 20.91
C ILE A 499 16.90 19.26 21.88
N TYR A 500 17.46 18.18 22.46
CA TYR A 500 16.68 17.39 23.41
C TYR A 500 16.24 18.26 24.61
N ARG A 501 17.16 19.10 25.15
CA ARG A 501 16.74 19.96 26.32
C ARG A 501 15.64 20.86 25.81
N ASP A 502 15.87 21.42 24.63
CA ASP A 502 14.86 22.24 24.02
C ASP A 502 13.44 21.68 23.81
N LEU A 503 13.23 20.35 23.88
CA LEU A 503 11.87 19.85 23.74
C LEU A 503 10.98 20.44 24.82
N ALA A 504 11.57 20.93 25.91
CA ALA A 504 10.81 21.61 26.98
C ALA A 504 10.11 22.84 26.37
N HIS A 505 10.67 23.42 25.30
CA HIS A 505 10.01 24.56 24.66
C HIS A 505 9.09 24.25 23.44
N LEU A 506 8.67 22.98 23.27
CA LEU A 506 7.80 22.62 22.13
C LEU A 506 6.42 23.37 21.96
N LYS A 507 6.10 23.81 20.75
CA LYS A 507 4.75 24.31 20.60
C LYS A 507 3.97 23.44 19.60
N THR A 508 2.81 22.92 20.04
CA THR A 508 1.87 22.21 19.18
C THR A 508 0.59 23.12 19.01
N PHE A 509 -0.14 22.99 17.89
CA PHE A 509 -1.32 23.82 17.70
C PHE A 509 -2.65 23.06 17.75
N ASP A 510 -2.64 21.81 17.31
CA ASP A 510 -3.91 21.14 17.33
C ASP A 510 -4.33 20.77 18.73
N ARG A 511 -5.51 21.19 19.20
CA ARG A 511 -5.83 20.78 20.55
C ARG A 511 -6.81 19.68 20.66
N GLY A 512 -7.21 19.08 19.52
CA GLY A 512 -8.14 17.95 19.58
C GLY A 512 -7.46 16.65 20.06
N ILE A 513 -8.19 15.55 20.05
CA ILE A 513 -7.65 14.28 20.47
C ILE A 513 -7.91 13.17 19.39
N VAL A 514 -8.99 13.31 18.61
CA VAL A 514 -9.35 12.41 17.48
C VAL A 514 -8.45 12.80 16.31
N TRP A 515 -7.63 11.86 15.82
CA TRP A 515 -6.76 12.13 14.69
C TRP A 515 -6.03 13.40 14.82
N ASN A 516 -5.36 13.60 15.93
CA ASN A 516 -4.54 14.77 16.09
C ASN A 516 -3.14 14.39 15.67
N THR A 517 -2.80 14.55 14.40
CA THR A 517 -1.45 14.12 13.99
C THR A 517 -0.40 15.13 14.42
N ASP A 518 -0.87 16.31 14.84
CA ASP A 518 0.05 17.35 15.35
C ASP A 518 0.70 16.71 16.57
N LEU A 519 -0.16 16.20 17.47
CA LEU A 519 0.27 15.56 18.68
C LEU A 519 0.98 14.19 18.40
N VAL A 520 0.42 13.33 17.55
CA VAL A 520 1.05 12.02 17.33
C VAL A 520 2.52 12.21 16.82
N GLU A 521 2.71 13.11 15.89
CA GLU A 521 4.05 13.34 15.33
C GLU A 521 4.99 14.02 16.39
N THR A 522 4.38 14.53 17.49
CA THR A 522 5.20 15.09 18.55
C THR A 522 5.63 13.93 19.43
N LEU A 523 4.75 12.93 19.64
CA LEU A 523 5.15 11.73 20.34
C LEU A 523 6.30 11.09 19.47
N GLU A 524 6.14 11.15 18.16
CA GLU A 524 7.13 10.54 17.29
C GLU A 524 8.44 11.28 17.39
N LEU A 525 8.40 12.58 17.68
CA LEU A 525 9.65 13.33 17.83
C LEU A 525 10.40 12.85 19.11
N GLN A 526 9.65 12.66 20.21
CA GLN A 526 10.26 12.20 21.44
C GLN A 526 10.94 10.88 21.00
N ASN A 527 10.15 9.96 20.43
CA ASN A 527 10.70 8.69 20.02
C ASN A 527 12.01 8.83 19.14
N LEU A 528 11.99 9.63 18.10
CA LEU A 528 13.16 9.71 17.23
C LEU A 528 14.36 10.26 17.99
N MET A 529 14.09 11.19 18.96
CA MET A 529 15.18 11.84 19.73
C MET A 529 15.86 10.84 20.61
N LEU A 530 15.08 10.00 21.28
CA LEU A 530 15.73 8.96 22.04
C LEU A 530 16.61 8.10 21.15
N CYS A 531 16.17 7.76 19.92
CA CYS A 531 16.98 6.88 19.07
C CYS A 531 18.20 7.61 18.58
N ALA A 532 18.00 8.85 18.22
CA ALA A 532 19.13 9.63 17.65
C ALA A 532 20.26 9.86 18.68
N LEU A 533 19.86 10.18 19.92
CA LEU A 533 20.85 10.46 20.96
C LEU A 533 21.74 9.18 21.10
N GLN A 534 21.10 7.99 21.25
CA GLN A 534 21.84 6.73 21.44
C GLN A 534 22.78 6.44 20.31
N THR A 535 22.40 6.86 19.11
CA THR A 535 23.13 6.60 17.86
C THR A 535 24.43 7.41 17.75
N ILE A 536 24.30 8.72 17.88
CA ILE A 536 25.44 9.54 17.72
C ILE A 536 26.39 9.44 18.93
N TYR A 537 25.89 9.19 20.16
CA TYR A 537 26.79 9.03 21.33
C TYR A 537 27.47 7.66 21.24
N GLY A 538 26.77 6.66 20.73
CA GLY A 538 27.37 5.33 20.54
C GLY A 538 28.49 5.47 19.50
N ALA A 539 28.30 6.28 18.47
CA ALA A 539 29.27 6.53 17.38
C ALA A 539 30.48 7.26 17.87
N GLU A 540 30.24 8.34 18.63
CA GLU A 540 31.34 9.11 19.21
C GLU A 540 32.21 8.18 20.04
N ALA A 541 31.58 7.35 20.91
CA ALA A 541 32.36 6.42 21.73
C ALA A 541 33.13 5.30 20.95
N ARG A 542 32.66 4.90 19.77
CA ARG A 542 33.29 3.80 19.05
C ARG A 542 34.47 4.24 18.18
N LYS A 543 35.68 4.14 18.76
CA LYS A 543 36.93 4.55 18.05
C LYS A 543 37.54 3.38 17.27
N GLU A 544 36.94 3.01 16.16
CA GLU A 544 37.41 1.92 15.32
C GLU A 544 36.50 2.08 14.15
N SER A 545 36.72 1.29 13.12
CA SER A 545 35.92 1.34 11.89
C SER A 545 35.45 -0.12 11.61
N ARG A 546 34.16 -0.35 11.52
CA ARG A 546 33.62 -1.70 11.32
C ARG A 546 32.33 -1.52 10.50
N GLY A 547 32.10 -2.32 9.45
CA GLY A 547 30.90 -2.15 8.67
C GLY A 547 30.60 -0.72 8.28
N ALA A 548 29.33 -0.31 8.50
CA ALA A 548 28.89 1.04 8.15
C ALA A 548 29.46 2.16 9.04
N HIS A 549 30.13 1.78 10.13
CA HIS A 549 30.71 2.78 11.01
C HIS A 549 32.18 2.99 10.65
N ALA A 550 32.37 4.06 9.90
CA ALA A 550 33.73 4.39 9.44
C ALA A 550 34.25 5.67 10.20
N ARG A 551 35.31 5.55 10.98
CA ARG A 551 35.90 6.72 11.70
C ARG A 551 37.21 7.04 10.95
N GLU A 552 37.32 8.22 10.39
CA GLU A 552 38.52 8.54 9.61
C GLU A 552 39.71 8.77 10.49
N ASP A 553 39.46 8.90 11.79
CA ASP A 553 40.46 9.05 12.83
C ASP A 553 40.77 7.70 13.61
N TYR A 554 40.16 6.57 13.16
CA TYR A 554 40.33 5.25 13.75
C TYR A 554 39.90 4.42 12.57
N LYS A 555 40.74 4.40 11.55
CA LYS A 555 40.44 3.72 10.32
C LYS A 555 40.52 2.22 10.37
N LEU A 556 40.99 1.64 11.44
CA LEU A 556 41.03 0.20 11.48
C LEU A 556 39.93 -0.46 12.32
N ARG A 557 39.70 -1.73 12.02
CA ARG A 557 38.74 -2.49 12.78
C ARG A 557 39.58 -3.06 13.88
N ILE A 558 39.16 -2.87 15.13
CA ILE A 558 39.91 -3.40 16.23
C ILE A 558 39.21 -4.53 17.03
N ASP A 559 39.72 -5.76 16.83
CA ASP A 559 39.25 -6.99 17.50
C ASP A 559 40.15 -7.43 18.63
N GLU A 560 39.71 -8.41 19.37
CA GLU A 560 40.48 -8.94 20.49
C GLU A 560 41.87 -9.49 20.04
N PHE A 561 42.07 -9.72 18.75
CA PHE A 561 43.35 -10.22 18.23
C PHE A 561 43.56 -9.46 16.98
N ASP A 562 44.76 -9.51 16.45
CA ASP A 562 44.92 -8.85 15.16
C ASP A 562 44.68 -9.99 14.17
N TYR A 563 43.49 -10.14 13.62
CA TYR A 563 43.34 -11.27 12.76
C TYR A 563 44.02 -11.16 11.44
N SER A 564 44.83 -10.12 11.23
CA SER A 564 45.62 -10.01 9.97
C SER A 564 47.01 -10.76 10.01
N LYS A 565 47.36 -11.41 11.12
CA LYS A 565 48.62 -12.18 11.29
C LYS A 565 48.30 -13.45 12.08
N PRO A 566 49.17 -14.48 12.02
CA PRO A 566 48.83 -15.70 12.79
C PRO A 566 48.57 -15.35 14.26
N LEU A 567 47.61 -16.06 14.83
CA LEU A 567 47.24 -15.84 16.22
C LEU A 567 48.26 -16.43 17.19
N GLN A 568 49.13 -17.25 16.60
CA GLN A 568 50.18 -17.94 17.32
C GLN A 568 51.05 -16.93 18.06
N GLY A 569 50.99 -16.99 19.38
CA GLY A 569 51.77 -16.07 20.18
C GLY A 569 51.33 -14.63 20.01
N GLN A 570 50.06 -14.40 20.31
CA GLN A 570 49.51 -13.06 20.28
C GLN A 570 48.84 -13.01 21.65
N GLN A 571 48.96 -11.86 22.28
CA GLN A 571 48.33 -11.61 23.57
C GLN A 571 46.91 -11.14 23.18
N LYS A 572 45.88 -11.87 23.60
CA LYS A 572 44.51 -11.46 23.25
C LYS A 572 44.27 -10.13 23.97
N ARG A 573 43.58 -9.17 23.34
CA ARG A 573 43.37 -7.90 24.04
C ARG A 573 42.18 -8.06 24.94
N PRO A 574 42.19 -7.29 26.03
CA PRO A 574 41.15 -7.25 27.07
C PRO A 574 39.80 -6.76 26.48
N PHE A 575 38.70 -7.27 27.00
CA PHE A 575 37.40 -6.86 26.50
C PHE A 575 37.41 -5.38 26.42
N GLU A 576 37.81 -4.69 27.50
CA GLU A 576 37.89 -3.23 27.50
C GLU A 576 38.87 -2.57 26.52
N GLU A 577 39.72 -3.30 25.87
CA GLU A 577 40.63 -2.63 24.96
C GLU A 577 40.44 -2.94 23.48
N HIS A 578 39.26 -3.46 23.10
CA HIS A 578 39.03 -3.70 21.69
C HIS A 578 37.58 -3.41 21.47
N TRP A 579 37.14 -3.45 20.22
CA TRP A 579 35.79 -3.09 19.87
C TRP A 579 34.86 -4.18 19.34
N ARG A 580 35.31 -5.41 19.29
CA ARG A 580 34.46 -6.42 18.77
C ARG A 580 33.52 -6.86 19.91
N LYS A 581 32.49 -6.03 20.15
CA LYS A 581 31.48 -6.13 21.23
C LYS A 581 30.31 -5.24 20.84
N HIS A 582 29.15 -5.67 21.25
CA HIS A 582 27.95 -4.90 20.94
C HIS A 582 27.90 -3.67 21.89
N THR A 583 27.43 -2.55 21.35
CA THR A 583 27.23 -1.36 22.14
C THR A 583 25.83 -1.48 22.76
N LEU A 584 25.71 -1.11 24.01
CA LEU A 584 24.46 -1.11 24.74
C LEU A 584 24.27 0.38 25.24
N SER A 585 23.28 1.06 24.71
CA SER A 585 22.97 2.44 25.01
C SER A 585 21.73 2.52 25.98
N TYR A 586 21.76 3.41 27.00
CA TYR A 586 20.66 3.62 27.95
C TYR A 586 20.45 5.12 28.00
N VAL A 587 19.22 5.59 28.16
CA VAL A 587 19.03 7.05 28.20
C VAL A 587 18.23 7.45 29.45
N ASP A 588 18.64 8.54 30.12
CA ASP A 588 17.89 9.00 31.29
C ASP A 588 16.95 9.95 30.58
N VAL A 589 15.67 9.58 30.55
CA VAL A 589 14.72 10.32 29.71
C VAL A 589 14.51 11.80 30.12
N LYS A 590 14.57 12.08 31.42
CA LYS A 590 14.45 13.45 31.92
C LYS A 590 15.52 14.37 31.38
N SER A 591 16.77 13.98 31.52
CA SER A 591 17.94 14.77 31.09
C SER A 591 18.31 14.50 29.69
N GLY A 592 18.09 13.24 29.25
CA GLY A 592 18.46 12.86 27.89
C GLY A 592 19.93 12.46 27.81
N LYS A 593 20.50 12.12 28.94
CA LYS A 593 21.91 11.75 29.04
C LYS A 593 22.12 10.25 28.69
N VAL A 594 23.12 10.00 27.88
CA VAL A 594 23.40 8.65 27.45
C VAL A 594 24.53 7.91 28.15
N THR A 595 24.21 6.69 28.55
CA THR A 595 25.12 5.75 29.23
C THR A 595 25.36 4.57 28.22
N LEU A 596 26.58 4.08 28.16
CA LEU A 596 26.99 2.98 27.26
C LEU A 596 27.64 1.92 28.15
N LYS A 597 27.50 0.67 27.70
CA LYS A 597 28.05 -0.55 28.26
C LYS A 597 28.28 -1.43 26.98
N TYR A 598 28.89 -2.60 27.13
CA TYR A 598 29.17 -3.44 25.98
C TYR A 598 28.95 -4.87 26.37
N ARG A 599 28.65 -5.70 25.38
CA ARG A 599 28.47 -7.09 25.66
C ARG A 599 29.14 -7.76 24.49
N PRO A 600 29.64 -8.96 24.73
CA PRO A 600 30.34 -9.75 23.71
C PRO A 600 29.42 -10.20 22.60
N VAL A 601 30.01 -10.33 21.43
CA VAL A 601 29.38 -10.84 20.26
C VAL A 601 29.39 -12.35 20.52
N ILE A 602 28.38 -13.07 20.03
CA ILE A 602 28.27 -14.50 20.19
C ILE A 602 28.85 -15.16 18.96
N ASP A 603 29.99 -15.91 19.04
CA ASP A 603 30.57 -16.54 17.84
C ASP A 603 30.13 -17.99 17.59
N ARG A 604 29.68 -18.62 18.65
CA ARG A 604 29.24 -19.99 18.53
C ARG A 604 27.96 -20.08 17.60
N THR A 605 27.83 -21.14 16.80
CA THR A 605 26.68 -21.33 16.01
C THR A 605 25.70 -22.25 16.81
N LEU A 606 24.63 -22.72 16.18
CA LEU A 606 23.72 -23.56 16.89
C LEU A 606 24.28 -24.95 16.86
N ASN A 607 25.33 -25.20 16.11
CA ASN A 607 25.82 -26.60 16.03
C ASN A 607 27.09 -26.59 15.18
N GLU A 608 28.21 -26.68 15.85
CA GLU A 608 29.46 -26.56 15.19
C GLU A 608 29.71 -27.68 14.15
N GLU A 609 29.17 -28.86 14.36
CA GLU A 609 29.40 -30.00 13.44
C GLU A 609 28.65 -29.73 12.14
N ASP A 610 27.50 -29.05 12.24
CA ASP A 610 26.66 -28.75 11.11
C ASP A 610 27.08 -27.46 10.38
N CYS A 611 27.60 -26.49 11.13
CA CYS A 611 27.93 -25.16 10.58
C CYS A 611 29.09 -24.60 11.38
N SER A 612 30.27 -24.56 10.76
CA SER A 612 31.42 -24.07 11.52
C SER A 612 31.28 -22.60 11.89
N SER A 613 31.75 -22.20 13.05
CA SER A 613 31.74 -20.80 13.48
C SER A 613 32.84 -20.30 12.58
N VAL A 614 32.71 -19.06 12.10
CA VAL A 614 33.68 -18.41 11.20
C VAL A 614 34.41 -17.32 11.98
N PRO A 615 35.73 -17.46 12.16
CA PRO A 615 36.53 -16.47 12.92
C PRO A 615 36.73 -15.20 12.15
N PRO A 616 36.91 -14.06 12.87
CA PRO A 616 37.11 -12.82 12.15
C PRO A 616 38.27 -13.01 11.19
N ALA A 617 38.30 -12.23 10.13
CA ALA A 617 39.31 -12.28 9.14
C ALA A 617 39.26 -10.90 8.55
N ILE A 618 40.19 -10.62 7.65
CA ILE A 618 40.25 -9.32 6.93
C ILE A 618 39.03 -9.34 6.04
N ARG A 619 38.39 -8.20 5.88
CA ARG A 619 37.16 -8.16 5.11
C ARG A 619 37.18 -7.31 3.88
N SER A 620 37.14 -7.96 2.71
CA SER A 620 37.26 -7.19 1.49
C SER A 620 36.46 -7.78 0.32
N TYR A 621 36.02 -6.93 -0.60
CA TYR A 621 35.26 -7.38 -1.76
C TYR A 621 35.91 -7.00 -3.10
N ALA B 6 14.26 31.15 -2.86
CA ALA B 6 15.16 32.25 -2.33
C ALA B 6 14.42 33.58 -2.37
N ALA B 7 14.73 34.36 -3.43
CA ALA B 7 14.11 35.67 -3.69
C ALA B 7 13.56 35.60 -5.13
N THR B 8 12.23 35.47 -5.27
CA THR B 8 11.48 35.33 -6.54
C THR B 8 10.51 34.19 -6.26
N SER B 9 9.35 34.52 -5.72
CA SER B 9 8.40 33.48 -5.38
C SER B 9 7.47 33.11 -6.54
N ARG B 10 6.74 32.03 -6.34
CA ARG B 10 5.75 31.49 -7.29
C ARG B 10 4.73 30.88 -6.35
N ILE B 11 3.83 31.75 -5.93
CA ILE B 11 2.79 31.41 -4.97
C ILE B 11 1.59 30.71 -5.55
N LYS B 12 1.34 29.51 -5.02
CA LYS B 12 0.23 28.71 -5.48
C LYS B 12 -0.81 28.67 -4.39
N LYS B 13 -2.09 28.60 -4.77
CA LYS B 13 -3.14 28.48 -3.73
C LYS B 13 -3.76 27.08 -3.74
N PHE B 14 -4.11 26.57 -2.57
CA PHE B 14 -4.68 25.24 -2.50
C PHE B 14 -5.88 25.49 -1.69
N SER B 15 -7.04 25.01 -2.10
CA SER B 15 -8.28 25.17 -1.28
C SER B 15 -8.51 23.76 -0.80
N ILE B 16 -8.49 23.56 0.53
CA ILE B 16 -8.55 22.24 1.14
C ILE B 16 -9.69 21.99 2.13
N TYR B 17 -10.31 20.82 2.02
CA TYR B 17 -11.47 20.45 2.82
C TYR B 17 -11.15 20.32 4.31
N ARG B 18 -11.93 20.97 5.19
CA ARG B 18 -11.71 20.89 6.63
C ARG B 18 -12.90 20.45 7.43
N TRP B 19 -12.66 19.71 8.49
CA TRP B 19 -13.79 19.37 9.34
C TRP B 19 -13.23 18.78 10.61
N ASP B 20 -13.50 19.40 11.74
CA ASP B 20 -12.93 18.92 13.00
C ASP B 20 -13.98 18.20 13.85
N PRO B 21 -13.76 16.92 14.12
CA PRO B 21 -14.82 16.36 14.91
C PRO B 21 -14.82 16.73 16.37
N ASP B 22 -13.84 17.49 16.81
CA ASP B 22 -13.81 17.75 18.25
C ASP B 22 -14.24 19.18 18.51
N LYS B 23 -14.74 19.85 17.48
CA LYS B 23 -15.25 21.19 17.62
C LYS B 23 -16.71 20.95 17.51
N PRO B 24 -17.44 21.03 18.65
CA PRO B 24 -18.88 20.80 18.68
C PRO B 24 -19.55 21.71 17.70
N GLY B 25 -20.36 21.10 16.83
CA GLY B 25 -21.11 21.81 15.80
C GLY B 25 -20.28 22.30 14.65
N ASP B 26 -19.06 21.81 14.48
CA ASP B 26 -18.22 22.28 13.37
C ASP B 26 -18.81 21.82 11.99
N LYS B 27 -18.78 22.68 10.99
CA LYS B 27 -19.29 22.28 9.67
C LYS B 27 -18.16 22.21 8.70
N PRO B 28 -18.26 21.30 7.72
CA PRO B 28 -17.19 21.17 6.72
C PRO B 28 -16.97 22.51 6.07
N ARG B 29 -15.72 22.88 5.87
CA ARG B 29 -15.48 24.13 5.24
C ARG B 29 -14.29 23.91 4.35
N MET B 30 -13.98 24.89 3.52
CA MET B 30 -12.81 24.85 2.68
C MET B 30 -11.85 25.96 3.16
N GLN B 31 -10.57 25.61 3.36
CA GLN B 31 -9.57 26.59 3.78
C GLN B 31 -8.53 26.76 2.71
N THR B 32 -8.08 27.97 2.53
CA THR B 32 -7.13 28.22 1.48
C THR B 32 -5.80 28.50 2.08
N TYR B 33 -4.75 28.00 1.40
CA TYR B 33 -3.36 28.21 1.81
C TYR B 33 -2.55 28.62 0.62
N GLU B 34 -1.49 29.35 0.88
CA GLU B 34 -0.63 29.82 -0.19
C GLU B 34 0.75 29.23 0.04
N VAL B 35 1.34 28.67 -1.01
CA VAL B 35 2.63 28.02 -0.87
C VAL B 35 3.59 28.46 -1.96
N ASP B 36 4.81 28.78 -1.55
CA ASP B 36 5.79 29.21 -2.51
C ASP B 36 6.37 27.98 -3.13
N LEU B 37 6.00 27.73 -4.38
CA LEU B 37 6.45 26.56 -5.13
C LEU B 37 7.93 26.49 -5.28
N ASN B 38 8.58 27.64 -5.11
CA ASN B 38 10.04 27.68 -5.18
C ASN B 38 10.62 27.11 -3.89
N LYS B 39 9.80 26.95 -2.86
CA LYS B 39 10.34 26.42 -1.60
C LYS B 39 9.55 25.21 -1.07
N CYS B 40 9.13 24.37 -2.02
CA CYS B 40 8.33 23.17 -1.77
C CYS B 40 8.67 22.05 -2.80
N GLY B 41 8.53 20.79 -2.38
CA GLY B 41 8.80 19.66 -3.29
C GLY B 41 7.85 19.72 -4.45
N PRO B 42 8.09 18.91 -5.47
CA PRO B 42 7.18 18.95 -6.63
C PRO B 42 5.80 18.33 -6.54
N MET B 43 5.53 17.62 -5.47
CA MET B 43 4.26 16.90 -5.33
C MET B 43 3.19 17.50 -4.40
N VAL B 44 1.95 17.11 -4.60
CA VAL B 44 0.97 17.67 -3.69
C VAL B 44 1.23 17.27 -2.25
N LEU B 45 1.70 16.06 -2.04
CA LEU B 45 1.96 15.70 -0.65
C LEU B 45 3.06 16.64 -0.08
N ASP B 46 4.06 17.01 -0.90
CA ASP B 46 5.09 17.91 -0.39
C ASP B 46 4.37 19.17 0.12
N ALA B 47 3.40 19.64 -0.66
CA ALA B 47 2.68 20.81 -0.25
C ALA B 47 1.84 20.64 0.98
N LEU B 48 1.17 19.51 1.08
CA LEU B 48 0.32 19.31 2.26
C LEU B 48 1.22 19.27 3.52
N ILE B 49 2.44 18.68 3.36
CA ILE B 49 3.38 18.54 4.48
C ILE B 49 4.02 19.91 4.88
N LYS B 50 4.30 20.75 3.87
CA LYS B 50 4.81 22.10 4.10
C LYS B 50 3.68 22.88 4.87
N ILE B 51 2.49 22.89 4.34
CA ILE B 51 1.40 23.54 5.04
C ILE B 51 1.35 23.07 6.43
N LYS B 52 1.26 21.76 6.66
CA LYS B 52 1.21 21.28 8.03
C LYS B 52 2.42 21.75 8.86
N ASN B 53 3.62 21.72 8.28
CA ASN B 53 4.80 22.06 9.08
C ASN B 53 5.06 23.54 9.37
N GLU B 54 4.52 24.39 8.50
CA GLU B 54 4.79 25.79 8.55
C GLU B 54 3.63 26.74 8.75
N LEU B 55 2.41 26.39 8.32
CA LEU B 55 1.26 27.27 8.34
C LEU B 55 0.17 26.76 9.24
N ASP B 56 -0.05 25.46 9.28
CA ASP B 56 -1.15 25.00 10.09
C ASP B 56 -1.00 23.51 10.41
N SER B 57 -0.37 23.24 11.55
CA SER B 57 -0.17 21.87 11.95
C SER B 57 -1.48 21.19 12.40
N THR B 58 -2.64 21.85 12.22
CA THR B 58 -3.89 21.17 12.56
C THR B 58 -4.43 20.46 11.26
N LEU B 59 -3.86 20.77 10.11
CA LEU B 59 -4.30 20.11 8.83
C LEU B 59 -3.99 18.60 8.97
N THR B 60 -4.98 17.75 8.81
CA THR B 60 -4.70 16.33 9.10
C THR B 60 -4.91 15.40 7.88
N PHE B 61 -4.01 14.45 7.59
CA PHE B 61 -4.24 13.57 6.44
C PHE B 61 -3.38 12.36 6.68
N ARG B 62 -3.67 11.25 6.01
CA ARG B 62 -2.89 10.03 6.10
C ARG B 62 -1.76 10.12 5.10
N ARG B 63 -0.61 9.57 5.44
CA ARG B 63 0.53 9.49 4.50
C ARG B 63 1.62 8.68 5.15
N SER B 64 2.45 7.98 4.35
CA SER B 64 3.55 7.22 4.85
C SER B 64 4.79 7.09 3.95
N CYS B 65 4.70 6.37 2.81
CA CYS B 65 5.86 6.05 1.98
C CYS B 65 6.38 7.19 1.18
N ARG B 66 5.53 8.13 0.85
CA ARG B 66 6.10 9.23 0.00
C ARG B 66 6.52 8.85 -1.52
N GLU B 67 6.50 7.56 -1.94
CA GLU B 67 6.77 7.16 -3.32
C GLU B 67 5.55 6.41 -4.08
N GLY B 68 4.34 6.46 -3.53
CA GLY B 68 3.17 5.89 -4.21
C GLY B 68 3.07 4.38 -4.20
N ILE B 69 3.62 3.76 -3.18
CA ILE B 69 3.56 2.37 -3.10
C ILE B 69 2.72 2.03 -1.87
N CYS B 70 2.57 2.92 -0.85
CA CYS B 70 1.82 2.41 0.30
C CYS B 70 0.33 2.50 0.21
N GLY B 71 -0.13 3.47 -0.53
CA GLY B 71 -1.52 3.71 -0.74
C GLY B 71 -2.15 4.63 0.27
N SER B 72 -1.40 5.10 1.26
CA SER B 72 -2.07 5.88 2.35
C SER B 72 -2.72 7.17 2.00
N CYS B 73 -2.06 7.91 1.12
CA CYS B 73 -2.45 9.31 0.85
C CYS B 73 -3.49 9.55 -0.22
N ALA B 74 -4.25 8.51 -0.61
CA ALA B 74 -5.29 8.69 -1.63
C ALA B 74 -6.25 9.81 -1.21
N MET B 75 -6.66 10.67 -2.14
CA MET B 75 -7.60 11.74 -1.79
C MET B 75 -8.04 12.33 -3.13
N ASN B 76 -8.96 13.27 -3.12
CA ASN B 76 -9.43 13.80 -4.41
C ASN B 76 -8.80 15.15 -4.64
N ILE B 77 -8.05 15.20 -5.72
CA ILE B 77 -7.27 16.37 -6.12
C ILE B 77 -7.64 16.96 -7.48
N ALA B 78 -8.10 18.19 -7.50
CA ALA B 78 -8.47 18.75 -8.80
C ALA B 78 -9.53 17.84 -9.41
N GLY B 79 -10.53 17.41 -8.62
CA GLY B 79 -11.59 16.64 -9.24
C GLY B 79 -11.35 15.15 -9.43
N GLY B 80 -10.11 14.71 -9.39
CA GLY B 80 -9.85 13.30 -9.52
C GLY B 80 -9.19 12.59 -8.30
N ASN B 81 -9.49 11.32 -8.09
CA ASN B 81 -8.86 10.56 -7.03
C ASN B 81 -7.44 10.17 -7.39
N THR B 82 -6.49 10.39 -6.46
CA THR B 82 -5.11 10.00 -6.77
C THR B 82 -4.27 9.96 -5.53
N LEU B 83 -2.97 9.63 -5.67
CA LEU B 83 -2.07 9.63 -4.53
C LEU B 83 -1.41 11.07 -4.42
N ALA B 84 -1.57 11.76 -3.28
CA ALA B 84 -1.00 13.10 -3.18
C ALA B 84 0.53 13.07 -3.49
N CYS B 85 1.19 12.00 -3.01
CA CYS B 85 2.62 11.86 -3.15
C CYS B 85 3.20 11.67 -4.56
N THR B 86 2.40 11.41 -5.62
CA THR B 86 2.94 11.25 -7.00
C THR B 86 2.17 12.14 -7.94
N LYS B 87 1.31 12.97 -7.36
CA LYS B 87 0.49 13.91 -8.11
C LYS B 87 1.26 15.23 -8.31
N LYS B 88 1.70 15.54 -9.49
CA LYS B 88 2.43 16.82 -9.61
C LYS B 88 1.62 18.03 -9.19
N ILE B 89 2.25 18.94 -8.42
CA ILE B 89 1.55 20.19 -8.07
C ILE B 89 1.37 20.92 -9.41
N ASP B 90 0.21 21.49 -9.65
CA ASP B 90 -0.02 22.22 -10.92
C ASP B 90 0.64 23.65 -10.87
N PRO B 91 1.68 23.93 -11.68
CA PRO B 91 2.43 25.21 -11.74
C PRO B 91 1.64 26.47 -12.18
N ASP B 92 0.59 26.34 -13.00
CA ASP B 92 -0.21 27.49 -13.39
C ASP B 92 -0.74 28.17 -12.12
N LEU B 93 -0.12 29.29 -11.77
CA LEU B 93 -0.47 30.00 -10.57
C LEU B 93 -1.79 30.70 -10.59
N SER B 94 -2.44 30.72 -11.72
CA SER B 94 -3.71 31.41 -11.78
C SER B 94 -4.87 30.49 -11.26
N LYS B 95 -4.56 29.23 -11.05
CA LYS B 95 -5.58 28.30 -10.59
C LYS B 95 -5.40 27.84 -9.13
N THR B 96 -6.48 27.79 -8.37
CA THR B 96 -6.42 27.26 -7.02
C THR B 96 -6.69 25.76 -7.12
N THR B 97 -5.84 24.92 -6.51
CA THR B 97 -6.10 23.48 -6.58
C THR B 97 -6.94 23.15 -5.38
N LYS B 98 -8.09 22.53 -5.64
CA LYS B 98 -9.03 22.06 -4.60
C LYS B 98 -8.68 20.60 -4.20
N ILE B 99 -8.74 20.38 -2.91
CA ILE B 99 -8.42 19.09 -2.36
C ILE B 99 -9.55 18.66 -1.41
N TYR B 100 -10.09 17.45 -1.65
CA TYR B 100 -11.17 16.89 -0.83
C TYR B 100 -10.81 15.49 -0.43
N PRO B 101 -11.56 14.90 0.51
CA PRO B 101 -11.26 13.52 0.92
C PRO B 101 -11.75 12.58 -0.23
N LEU B 102 -11.41 11.27 -0.24
CA LEU B 102 -11.97 10.36 -1.26
C LEU B 102 -13.48 10.61 -1.19
N PRO B 103 -14.14 10.52 -2.32
CA PRO B 103 -15.57 10.78 -2.39
C PRO B 103 -16.57 9.87 -1.79
N HIS B 104 -17.64 10.51 -1.27
CA HIS B 104 -18.80 9.75 -0.69
C HIS B 104 -18.36 8.81 0.41
N MET B 105 -17.52 9.29 1.33
CA MET B 105 -17.00 8.46 2.43
C MET B 105 -17.28 9.21 3.71
N TYR B 106 -17.32 8.53 4.84
CA TYR B 106 -17.55 9.28 6.10
C TYR B 106 -16.21 9.89 6.51
N VAL B 107 -16.20 11.17 6.79
CA VAL B 107 -14.96 11.84 7.13
C VAL B 107 -14.72 11.71 8.65
N VAL B 108 -13.54 11.13 9.01
CA VAL B 108 -13.13 10.98 10.39
C VAL B 108 -12.70 12.39 10.84
N LYS B 109 -11.84 12.97 10.00
CA LYS B 109 -11.31 14.31 10.21
C LYS B 109 -10.63 14.81 8.91
N ASP B 110 -10.80 16.09 8.61
CA ASP B 110 -10.20 16.71 7.43
C ASP B 110 -10.13 15.73 6.20
N LEU B 111 -8.95 15.31 5.75
CA LEU B 111 -8.80 14.49 4.58
C LEU B 111 -8.73 13.00 4.87
N VAL B 112 -9.23 12.60 6.05
CA VAL B 112 -9.15 11.25 6.49
C VAL B 112 -10.53 10.63 6.55
N PRO B 113 -10.82 9.68 5.57
CA PRO B 113 -12.08 8.93 5.40
C PRO B 113 -12.06 7.65 6.22
N ASP B 114 -13.22 7.15 6.59
CA ASP B 114 -13.29 5.87 7.28
C ASP B 114 -13.29 4.77 6.15
N LEU B 115 -12.17 4.07 5.99
CA LEU B 115 -12.03 3.00 5.00
C LEU B 115 -12.40 1.63 5.55
N SER B 116 -12.97 1.54 6.76
CA SER B 116 -13.20 0.21 7.24
C SER B 116 -14.18 -0.68 6.55
N ASN B 117 -15.17 -0.14 5.80
CA ASN B 117 -16.10 -1.00 5.08
C ASN B 117 -15.29 -1.54 3.83
N PHE B 118 -14.47 -0.65 3.23
CA PHE B 118 -13.64 -1.03 2.07
C PHE B 118 -12.78 -2.16 2.52
N TYR B 119 -12.18 -2.10 3.72
CA TYR B 119 -11.35 -3.26 4.07
C TYR B 119 -12.17 -4.54 4.38
N ALA B 120 -13.40 -4.37 4.91
CA ALA B 120 -14.18 -5.58 5.26
C ALA B 120 -14.62 -6.23 3.93
N GLN B 121 -14.86 -5.44 2.87
CA GLN B 121 -15.25 -6.08 1.60
C GLN B 121 -14.07 -6.91 1.07
N TYR B 122 -12.85 -6.37 1.21
CA TYR B 122 -11.65 -7.10 0.78
C TYR B 122 -11.53 -8.38 1.63
N LYS B 123 -11.67 -8.30 2.95
CA LYS B 123 -11.62 -9.59 3.78
C LYS B 123 -12.67 -10.60 3.33
N SER B 124 -13.82 -10.10 2.92
CA SER B 124 -14.88 -11.03 2.54
C SER B 124 -14.64 -11.87 1.30
N ILE B 125 -13.66 -11.53 0.44
CA ILE B 125 -13.49 -12.37 -0.72
C ILE B 125 -12.40 -13.34 -0.47
N GLU B 126 -11.88 -13.32 0.75
CA GLU B 126 -10.85 -14.28 1.12
C GLU B 126 -9.63 -14.21 0.22
N PRO B 127 -8.94 -13.09 0.31
CA PRO B 127 -7.74 -12.80 -0.49
C PRO B 127 -6.45 -13.44 -0.03
N TYR B 128 -6.36 -14.75 -0.23
CA TYR B 128 -5.23 -15.58 0.14
C TYR B 128 -5.39 -16.91 -0.59
N LEU B 129 -4.28 -17.57 -0.86
CA LEU B 129 -4.26 -18.80 -1.56
C LEU B 129 -4.99 -19.90 -0.79
N LYS B 130 -5.83 -20.63 -1.51
CA LYS B 130 -6.58 -21.76 -0.94
C LYS B 130 -6.37 -23.01 -1.80
N LYS B 131 -5.90 -24.11 -1.21
CA LYS B 131 -5.73 -25.36 -1.99
C LYS B 131 -6.70 -26.42 -1.42
N LYS B 132 -7.19 -27.36 -2.24
CA LYS B 132 -8.19 -28.31 -1.68
C LYS B 132 -7.51 -29.08 -0.62
N ASP B 133 -6.32 -29.55 -0.97
CA ASP B 133 -5.50 -30.26 -0.02
C ASP B 133 -4.36 -29.33 0.44
N GLU B 134 -4.57 -28.65 1.57
CA GLU B 134 -3.53 -27.75 2.09
C GLU B 134 -2.61 -28.46 3.10
N SER B 135 -2.77 -29.80 3.21
CA SER B 135 -2.01 -30.70 4.12
C SER B 135 -0.51 -30.76 3.84
N LYS B 136 -0.09 -30.02 2.83
CA LYS B 136 1.31 -29.97 2.41
C LYS B 136 1.82 -28.55 2.45
N GLN B 137 1.10 -27.65 3.15
CA GLN B 137 1.51 -26.26 3.26
C GLN B 137 2.92 -26.32 3.84
N GLY B 138 3.77 -25.44 3.34
CA GLY B 138 5.15 -25.40 3.78
C GLY B 138 6.17 -26.45 3.31
N LYS B 139 5.82 -27.65 2.87
CA LYS B 139 6.88 -28.57 2.48
C LYS B 139 7.66 -28.10 1.27
N GLU B 140 7.01 -27.76 0.17
CA GLU B 140 7.78 -27.31 -1.02
C GLU B 140 7.20 -26.14 -1.82
N GLN B 141 8.03 -25.48 -2.62
CA GLN B 141 7.49 -24.46 -3.55
C GLN B 141 6.39 -25.11 -4.49
N TYR B 142 5.29 -24.39 -4.74
CA TYR B 142 4.29 -24.83 -5.70
C TYR B 142 4.90 -24.40 -7.01
N LEU B 143 4.63 -25.13 -8.07
CA LEU B 143 5.20 -24.83 -9.36
C LEU B 143 4.24 -23.95 -10.13
N GLN B 144 4.74 -22.93 -10.82
CA GLN B 144 3.87 -22.10 -11.62
C GLN B 144 4.75 -21.67 -12.71
N SER B 145 4.22 -21.82 -13.91
CA SER B 145 4.96 -21.48 -15.12
C SER B 145 5.10 -20.00 -15.29
N ILE B 146 6.13 -19.65 -16.04
CA ILE B 146 6.31 -18.26 -16.34
C ILE B 146 5.05 -17.71 -16.94
N GLU B 147 4.40 -18.46 -17.83
CA GLU B 147 3.17 -18.01 -18.48
C GLU B 147 2.01 -17.87 -17.55
N ASP B 148 1.79 -18.82 -16.64
CA ASP B 148 0.67 -18.58 -15.72
C ASP B 148 1.03 -17.43 -14.72
N ARG B 149 2.33 -17.19 -14.50
CA ARG B 149 2.68 -16.13 -13.55
C ARG B 149 2.37 -14.81 -14.17
N GLN B 150 2.50 -14.77 -15.49
CA GLN B 150 2.25 -13.53 -16.16
C GLN B 150 0.82 -13.03 -16.13
N LYS B 151 -0.08 -13.98 -15.98
CA LYS B 151 -1.51 -13.68 -15.87
C LYS B 151 -1.77 -12.75 -14.70
N LEU B 152 -0.97 -12.84 -13.69
CA LEU B 152 -1.06 -11.97 -12.50
C LEU B 152 -0.57 -10.54 -12.73
N ASP B 153 0.24 -10.31 -13.79
CA ASP B 153 0.73 -8.95 -14.00
C ASP B 153 -0.47 -8.00 -14.21
N GLY B 154 -0.46 -6.82 -13.58
CA GLY B 154 -1.57 -5.91 -13.76
C GLY B 154 -2.66 -6.19 -12.76
N LEU B 155 -2.54 -7.24 -11.92
CA LEU B 155 -3.61 -7.52 -10.91
C LEU B 155 -2.95 -7.42 -9.51
N TYR B 156 -1.80 -8.08 -9.36
CA TYR B 156 -1.18 -8.02 -8.08
C TYR B 156 -0.57 -6.72 -7.59
N GLU B 157 -0.40 -5.69 -8.44
CA GLU B 157 0.28 -4.44 -8.03
C GLU B 157 -0.56 -3.50 -7.23
N CYS B 158 -1.83 -3.89 -7.11
CA CYS B 158 -2.77 -3.02 -6.47
C CYS B 158 -2.29 -2.68 -5.07
N ILE B 159 -2.48 -1.45 -4.61
CA ILE B 159 -1.99 -1.07 -3.33
C ILE B 159 -3.11 -0.74 -2.38
N LEU B 160 -4.33 -1.11 -2.74
CA LEU B 160 -5.57 -0.89 -1.92
C LEU B 160 -5.73 0.52 -1.37
N CYS B 161 -5.56 1.49 -2.27
CA CYS B 161 -5.62 2.93 -1.98
C CYS B 161 -7.04 3.36 -2.03
N ALA B 162 -7.84 2.63 -2.83
CA ALA B 162 -9.28 2.93 -2.91
C ALA B 162 -9.64 4.08 -3.81
N CYS B 163 -8.65 4.51 -4.66
CA CYS B 163 -9.01 5.60 -5.51
C CYS B 163 -10.13 5.11 -6.47
N CYS B 164 -10.04 3.88 -6.95
CA CYS B 164 -10.96 3.41 -7.94
C CYS B 164 -12.39 3.27 -7.39
N SER B 165 -12.60 2.50 -6.35
CA SER B 165 -13.96 2.27 -5.87
C SER B 165 -14.54 3.61 -5.45
N THR B 166 -13.75 4.52 -4.82
CA THR B 166 -14.39 5.82 -4.43
C THR B 166 -14.52 6.75 -5.63
N SER B 167 -14.20 6.25 -6.85
CA SER B 167 -14.44 7.13 -8.03
C SER B 167 -15.72 6.58 -8.75
N CYS B 168 -16.02 5.31 -8.47
CA CYS B 168 -17.12 4.60 -9.09
C CYS B 168 -18.50 4.99 -8.64
N PRO B 169 -19.32 5.64 -9.50
CA PRO B 169 -20.68 6.05 -9.10
C PRO B 169 -21.51 4.86 -8.55
N SER B 170 -21.35 3.63 -9.08
CA SER B 170 -22.16 2.54 -8.50
C SER B 170 -21.77 2.33 -7.05
N TYR B 171 -20.50 2.54 -6.72
CA TYR B 171 -20.00 2.35 -5.40
C TYR B 171 -20.51 3.47 -4.50
N TRP B 172 -20.64 4.66 -5.05
CA TRP B 172 -21.22 5.77 -4.29
C TRP B 172 -22.67 5.43 -3.86
N TRP B 173 -23.45 4.76 -4.75
CA TRP B 173 -24.85 4.53 -4.51
C TRP B 173 -25.13 3.25 -3.77
N ASN B 174 -24.29 2.24 -3.91
CA ASN B 174 -24.52 1.01 -3.28
C ASN B 174 -23.30 0.48 -2.65
N GLY B 175 -22.53 1.34 -1.94
CA GLY B 175 -21.32 0.78 -1.37
C GLY B 175 -21.52 -0.18 -0.28
N ASP B 176 -22.74 -0.31 0.23
CA ASP B 176 -22.95 -1.28 1.30
C ASP B 176 -22.93 -2.67 0.74
N LYS B 177 -23.34 -2.86 -0.49
CA LYS B 177 -23.38 -4.23 -1.08
C LYS B 177 -22.57 -4.46 -2.36
N TYR B 178 -22.24 -3.41 -3.08
CA TYR B 178 -21.44 -3.59 -4.29
C TYR B 178 -19.94 -3.69 -3.83
N LEU B 179 -19.22 -4.79 -4.04
CA LEU B 179 -17.82 -4.86 -3.59
C LEU B 179 -16.87 -3.74 -4.12
N GLY B 180 -17.21 -3.15 -5.26
CA GLY B 180 -16.38 -2.12 -5.87
C GLY B 180 -15.17 -2.68 -6.66
N PRO B 181 -14.64 -1.86 -7.59
CA PRO B 181 -13.50 -2.25 -8.44
C PRO B 181 -12.26 -2.82 -7.80
N ALA B 182 -11.75 -2.18 -6.73
CA ALA B 182 -10.57 -2.72 -6.10
C ALA B 182 -10.70 -4.19 -5.65
N VAL B 183 -11.71 -4.45 -4.79
CA VAL B 183 -11.87 -5.81 -4.24
C VAL B 183 -12.20 -6.83 -5.39
N LEU B 184 -13.01 -6.46 -6.36
CA LEU B 184 -13.37 -7.35 -7.49
C LEU B 184 -12.15 -7.70 -8.25
N MET B 185 -11.26 -6.72 -8.50
CA MET B 185 -10.03 -7.05 -9.25
C MET B 185 -9.17 -8.00 -8.42
N GLN B 186 -9.17 -7.82 -7.11
CA GLN B 186 -8.36 -8.80 -6.27
C GLN B 186 -9.06 -10.19 -6.27
N ALA B 187 -10.39 -10.21 -6.28
CA ALA B 187 -11.07 -11.54 -6.31
C ALA B 187 -10.63 -12.20 -7.68
N TYR B 188 -10.56 -11.39 -8.76
CA TYR B 188 -10.13 -11.92 -10.08
C TYR B 188 -8.66 -12.43 -9.95
N ARG B 189 -7.83 -11.65 -9.25
CA ARG B 189 -6.43 -12.03 -9.07
C ARG B 189 -6.30 -13.41 -8.40
N TRP B 190 -7.22 -13.75 -7.51
CA TRP B 190 -7.14 -15.07 -6.90
C TRP B 190 -7.82 -16.10 -7.82
N MET B 191 -8.90 -15.70 -8.51
CA MET B 191 -9.59 -16.64 -9.43
C MET B 191 -8.61 -17.10 -10.49
N ILE B 192 -7.74 -16.21 -10.99
CA ILE B 192 -6.85 -16.76 -12.03
C ILE B 192 -5.50 -17.20 -11.63
N ASP B 193 -5.22 -17.22 -10.32
CA ASP B 193 -3.92 -17.69 -9.90
C ASP B 193 -4.01 -19.17 -10.12
N SER B 194 -3.10 -19.70 -10.95
CA SER B 194 -3.12 -21.13 -11.26
C SER B 194 -2.95 -22.03 -10.09
N ARG B 195 -2.38 -21.50 -9.01
CA ARG B 195 -2.10 -22.29 -7.82
C ARG B 195 -3.33 -22.36 -6.90
N ASP B 196 -4.41 -21.59 -7.15
CA ASP B 196 -5.60 -21.59 -6.29
C ASP B 196 -6.65 -22.63 -6.72
N ASP B 197 -7.29 -23.31 -5.77
CA ASP B 197 -8.27 -24.34 -6.15
C ASP B 197 -9.74 -24.01 -5.86
N TYR B 198 -10.01 -22.77 -5.52
CA TYR B 198 -11.35 -22.39 -5.28
C TYR B 198 -12.00 -21.43 -6.29
N THR B 199 -11.62 -21.50 -7.57
CA THR B 199 -12.19 -20.58 -8.51
C THR B 199 -13.75 -20.62 -8.53
N GLU B 200 -14.34 -21.80 -8.63
CA GLU B 200 -15.80 -21.90 -8.67
C GLU B 200 -16.44 -21.31 -7.42
N GLU B 201 -15.89 -21.61 -6.26
CA GLU B 201 -16.46 -21.04 -5.05
C GLU B 201 -16.30 -19.48 -5.08
N ARG B 202 -15.21 -18.95 -5.72
CA ARG B 202 -14.97 -17.47 -5.75
C ARG B 202 -15.98 -16.81 -6.61
N LEU B 203 -16.26 -17.47 -7.74
CA LEU B 203 -17.32 -17.03 -8.67
C LEU B 203 -18.71 -17.20 -7.98
N ALA B 204 -18.94 -18.38 -7.43
CA ALA B 204 -20.25 -18.64 -6.73
C ALA B 204 -20.61 -17.54 -5.76
N GLN B 205 -19.61 -17.02 -5.05
CA GLN B 205 -19.85 -15.91 -4.12
C GLN B 205 -20.37 -14.65 -4.76
N LEU B 206 -20.19 -14.46 -6.07
CA LEU B 206 -20.74 -13.24 -6.63
C LEU B 206 -22.13 -13.44 -7.30
N GLN B 207 -22.82 -14.55 -7.00
CA GLN B 207 -24.15 -14.73 -7.57
C GLN B 207 -25.23 -14.00 -6.75
N ASP B 208 -25.38 -12.69 -6.92
CA ASP B 208 -26.40 -11.92 -6.27
C ASP B 208 -26.50 -10.64 -7.13
N PRO B 209 -27.53 -9.86 -6.95
CA PRO B 209 -27.62 -8.66 -7.76
C PRO B 209 -26.59 -7.53 -7.51
N PHE B 210 -25.80 -7.59 -6.44
CA PHE B 210 -24.90 -6.45 -6.11
C PHE B 210 -23.39 -6.51 -6.08
N SER B 211 -22.89 -7.61 -5.55
CA SER B 211 -21.49 -7.78 -5.32
C SER B 211 -20.65 -7.30 -6.50
N LEU B 212 -20.94 -7.90 -7.64
CA LEU B 212 -20.35 -7.68 -8.96
C LEU B 212 -21.30 -6.87 -9.89
N TYR B 213 -22.54 -7.32 -10.05
CA TYR B 213 -23.43 -6.69 -11.04
C TYR B 213 -23.83 -5.23 -10.93
N ARG B 214 -23.45 -4.49 -9.87
CA ARG B 214 -23.80 -3.05 -9.95
C ARG B 214 -22.76 -2.34 -10.94
N CYS B 215 -21.73 -3.04 -11.43
CA CYS B 215 -20.77 -2.45 -12.43
C CYS B 215 -21.48 -2.43 -13.78
N HIS B 216 -21.62 -1.24 -14.35
CA HIS B 216 -22.19 -1.04 -15.66
C HIS B 216 -21.07 -0.40 -16.57
N THR B 217 -19.79 -0.66 -16.29
CA THR B 217 -18.77 -0.20 -17.20
C THR B 217 -18.61 1.28 -17.40
N ILE B 218 -18.87 2.05 -16.36
CA ILE B 218 -18.60 3.48 -16.36
C ILE B 218 -17.09 3.90 -16.71
N MET B 219 -16.14 3.09 -16.23
CA MET B 219 -14.69 3.21 -16.43
C MET B 219 -14.00 4.37 -15.72
N ASN B 220 -14.63 4.92 -14.70
CA ASN B 220 -13.95 5.94 -13.91
C ASN B 220 -12.83 5.21 -13.16
N CYS B 221 -13.10 3.98 -12.74
CA CYS B 221 -12.09 3.25 -11.96
C CYS B 221 -10.73 3.21 -12.62
N THR B 222 -10.66 2.65 -13.82
CA THR B 222 -9.43 2.60 -14.57
C THR B 222 -8.82 3.99 -14.90
N ARG B 223 -9.62 4.97 -15.20
CA ARG B 223 -9.00 6.24 -15.49
C ARG B 223 -8.28 6.77 -14.26
N THR B 224 -8.81 6.48 -13.07
CA THR B 224 -8.27 7.07 -11.87
C THR B 224 -7.09 6.39 -11.20
N CYS B 225 -6.85 5.13 -11.55
CA CYS B 225 -5.83 4.38 -10.87
C CYS B 225 -4.40 4.88 -10.93
N PRO B 226 -3.77 5.19 -9.76
CA PRO B 226 -2.41 5.68 -9.71
C PRO B 226 -1.37 4.72 -10.13
N LYS B 227 -1.75 3.47 -10.25
CA LYS B 227 -0.79 2.46 -10.65
C LYS B 227 -1.02 2.08 -12.09
N GLY B 228 -1.92 2.73 -12.82
CA GLY B 228 -2.02 2.34 -14.23
C GLY B 228 -2.66 0.96 -14.50
N LEU B 229 -3.48 0.50 -13.54
CA LEU B 229 -4.09 -0.79 -13.61
C LEU B 229 -5.48 -0.64 -14.26
N ASN B 230 -6.14 -1.73 -14.63
CA ASN B 230 -7.41 -1.68 -15.25
C ASN B 230 -8.50 -2.51 -14.47
N PRO B 231 -9.04 -1.95 -13.41
CA PRO B 231 -10.01 -2.77 -12.72
C PRO B 231 -11.26 -3.04 -13.55
N GLY B 232 -11.61 -2.09 -14.42
CA GLY B 232 -12.75 -2.22 -15.26
C GLY B 232 -12.54 -3.44 -16.13
N LYS B 233 -11.35 -3.65 -16.67
CA LYS B 233 -11.18 -4.86 -17.46
C LYS B 233 -11.31 -6.16 -16.66
N ALA B 234 -10.74 -6.16 -15.47
CA ALA B 234 -10.74 -7.36 -14.65
C ALA B 234 -12.18 -7.77 -14.38
N ILE B 235 -13.03 -6.79 -14.20
CA ILE B 235 -14.40 -7.03 -13.92
C ILE B 235 -15.10 -7.67 -15.12
N ALA B 236 -14.83 -7.16 -16.29
CA ALA B 236 -15.41 -7.74 -17.51
C ALA B 236 -14.98 -9.19 -17.64
N GLU B 237 -13.75 -9.50 -17.24
CA GLU B 237 -13.30 -10.90 -17.36
C GLU B 237 -14.02 -11.78 -16.31
N ILE B 238 -14.29 -11.23 -15.13
CA ILE B 238 -15.06 -11.97 -14.09
C ILE B 238 -16.49 -12.25 -14.68
N LYS B 239 -17.16 -11.24 -15.24
CA LYS B 239 -18.48 -11.40 -15.79
C LYS B 239 -18.49 -12.53 -16.83
N LYS B 240 -17.40 -12.74 -17.55
CA LYS B 240 -17.40 -13.78 -18.56
C LYS B 240 -17.28 -15.13 -17.93
N MET B 241 -16.47 -15.19 -16.86
CA MET B 241 -16.29 -16.44 -16.18
C MET B 241 -17.62 -16.83 -15.46
N MET B 242 -18.30 -15.85 -14.92
CA MET B 242 -19.54 -16.10 -14.23
C MET B 242 -20.48 -16.79 -15.23
N ALA B 243 -20.47 -16.26 -16.46
CA ALA B 243 -21.33 -16.69 -17.48
C ALA B 243 -20.97 -18.03 -18.06
N THR B 244 -19.78 -18.54 -17.82
CA THR B 244 -19.45 -19.80 -18.40
C THR B 244 -19.12 -20.93 -17.44
N TYR B 245 -18.70 -20.66 -16.20
CA TYR B 245 -18.32 -21.75 -15.32
C TYR B 245 -19.43 -22.80 -15.06
N LYS B 246 -19.01 -24.04 -14.83
CA LYS B 246 -19.95 -25.13 -14.60
C LYS B 246 -19.75 -25.75 -13.20
N GLU B 247 -20.75 -26.53 -12.75
CA GLU B 247 -20.82 -27.26 -11.44
C GLU B 247 -21.21 -26.35 -10.29
N ALA C 2 -11.12 -11.52 16.81
CA ALA C 2 -11.46 -11.29 15.37
C ALA C 2 -12.93 -11.01 15.19
N THR C 3 -13.26 -10.24 14.18
CA THR C 3 -14.63 -9.90 13.80
C THR C 3 -14.62 -10.41 12.39
N THR C 4 -15.68 -11.08 11.97
CA THR C 4 -15.78 -11.54 10.60
C THR C 4 -16.04 -10.25 9.72
N ALA C 5 -15.90 -10.45 8.43
CA ALA C 5 -16.16 -9.37 7.48
C ALA C 5 -17.59 -8.76 7.63
N LYS C 6 -18.60 -9.63 7.79
CA LYS C 6 -19.99 -9.14 7.93
C LYS C 6 -20.13 -8.34 9.20
N GLU C 7 -19.55 -8.82 10.28
CA GLU C 7 -19.67 -8.06 11.50
C GLU C 7 -19.00 -6.71 11.29
N GLU C 8 -17.82 -6.72 10.60
CA GLU C 8 -17.12 -5.46 10.39
C GLU C 8 -17.96 -4.51 9.58
N MET C 9 -18.71 -5.08 8.62
CA MET C 9 -19.59 -4.24 7.83
C MET C 9 -20.75 -3.69 8.65
N ALA C 10 -21.36 -4.53 9.47
CA ALA C 10 -22.52 -4.03 10.26
C ALA C 10 -22.02 -2.97 11.23
N ARG C 11 -20.86 -3.14 11.88
CA ARG C 11 -20.50 -2.06 12.79
C ARG C 11 -20.10 -0.80 12.07
N PHE C 12 -19.70 -0.93 10.83
CA PHE C 12 -19.30 0.32 10.18
C PHE C 12 -20.51 1.17 9.98
N TRP C 13 -21.58 0.56 9.56
CA TRP C 13 -22.78 1.35 9.30
C TRP C 13 -23.41 1.90 10.52
N GLU C 14 -23.39 1.04 11.52
CA GLU C 14 -23.91 1.28 12.86
C GLU C 14 -23.14 2.42 13.50
N LYS C 15 -21.83 2.42 13.39
CA LYS C 15 -21.07 3.48 14.01
C LYS C 15 -21.32 4.76 13.30
N ASN C 16 -21.07 4.78 11.99
CA ASN C 16 -21.20 6.00 11.19
C ASN C 16 -22.56 6.66 11.02
N THR C 17 -23.65 5.87 10.81
CA THR C 17 -24.96 6.52 10.61
C THR C 17 -25.41 7.23 11.88
N LYS C 18 -24.94 6.77 13.04
CA LYS C 18 -25.32 7.50 14.24
C LYS C 18 -24.26 8.51 14.63
N SER C 19 -23.18 8.64 13.85
CA SER C 19 -22.10 9.60 14.17
C SER C 19 -22.45 11.01 13.75
N SER C 20 -21.57 11.95 14.00
CA SER C 20 -21.91 13.24 13.44
C SER C 20 -20.94 13.39 12.27
N ARG C 21 -20.35 12.28 11.76
CA ARG C 21 -19.38 12.47 10.66
C ARG C 21 -20.05 12.96 9.36
N PRO C 22 -19.45 13.93 8.64
CA PRO C 22 -20.13 14.31 7.41
C PRO C 22 -19.77 13.25 6.32
N LEU C 23 -20.50 13.26 5.22
CA LEU C 23 -20.27 12.44 4.03
C LEU C 23 -19.50 13.37 3.09
N SER C 24 -18.30 13.00 2.66
CA SER C 24 -17.47 13.86 1.77
C SER C 24 -18.19 14.00 0.44
N PRO C 25 -18.05 15.17 -0.22
CA PRO C 25 -18.72 15.38 -1.50
C PRO C 25 -18.27 14.40 -2.58
N HIS C 26 -19.12 14.23 -3.58
CA HIS C 26 -18.78 13.31 -4.67
C HIS C 26 -19.14 13.88 -6.03
N ILE C 27 -20.42 13.69 -6.36
CA ILE C 27 -20.92 14.14 -7.65
C ILE C 27 -20.76 15.65 -7.82
N SER C 28 -20.85 16.44 -6.76
CA SER C 28 -20.67 17.91 -6.93
C SER C 28 -19.15 18.36 -7.08
N ILE C 29 -18.19 17.47 -6.85
CA ILE C 29 -16.79 17.91 -6.94
C ILE C 29 -15.96 17.12 -7.93
N TYR C 30 -16.55 16.03 -8.41
CA TYR C 30 -15.85 15.12 -9.27
C TYR C 30 -15.65 15.59 -10.72
N LYS C 31 -14.45 15.39 -11.25
CA LYS C 31 -14.14 15.83 -12.60
C LYS C 31 -14.78 14.95 -13.64
N TRP C 32 -15.41 15.54 -14.64
CA TRP C 32 -16.02 14.69 -15.66
C TRP C 32 -15.04 14.31 -16.69
N SER C 33 -15.41 13.31 -17.47
CA SER C 33 -14.64 12.87 -18.58
C SER C 33 -15.64 12.56 -19.70
N LEU C 34 -15.18 12.31 -20.93
CA LEU C 34 -16.20 12.08 -21.95
C LEU C 34 -16.86 10.71 -21.67
N PRO C 35 -16.06 9.67 -21.40
CA PRO C 35 -16.61 8.35 -21.10
C PRO C 35 -17.68 8.45 -19.97
N MET C 36 -17.39 9.23 -18.92
CA MET C 36 -18.34 9.33 -17.86
C MET C 36 -19.67 9.97 -18.35
N ALA C 37 -19.53 11.05 -19.12
CA ALA C 37 -20.69 11.71 -19.65
C ALA C 37 -21.45 10.79 -20.60
N MET C 38 -20.76 9.99 -21.38
CA MET C 38 -21.44 9.18 -22.35
C MET C 38 -22.19 8.05 -21.68
N SER C 39 -21.72 7.76 -20.47
CA SER C 39 -22.25 6.65 -19.71
C SER C 39 -23.60 6.99 -19.18
N ILE C 40 -23.68 8.14 -18.57
CA ILE C 40 -24.89 8.44 -18.02
C ILE C 40 -25.86 8.80 -19.16
N THR C 41 -25.37 9.41 -20.27
CA THR C 41 -26.24 9.66 -21.42
C THR C 41 -26.81 8.31 -21.99
N HIS C 42 -26.07 7.24 -21.88
CA HIS C 42 -26.62 6.02 -22.37
C HIS C 42 -27.83 5.54 -21.51
N ARG C 43 -27.76 5.82 -20.22
CA ARG C 43 -28.82 5.40 -19.31
C ARG C 43 -30.02 6.31 -19.49
N GLY C 44 -29.74 7.61 -19.63
CA GLY C 44 -30.75 8.62 -19.83
C GLY C 44 -31.52 8.38 -21.16
N THR C 45 -30.82 8.04 -22.24
CA THR C 45 -31.49 7.76 -23.50
C THR C 45 -32.32 6.43 -23.36
N GLY C 46 -31.83 5.41 -22.68
CA GLY C 46 -32.57 4.16 -22.49
C GLY C 46 -33.90 4.36 -21.75
N VAL C 47 -33.88 5.19 -20.71
CA VAL C 47 -35.03 5.47 -19.89
C VAL C 47 -35.93 6.30 -20.75
N ALA C 48 -35.41 7.29 -21.42
CA ALA C 48 -36.29 8.08 -22.28
C ALA C 48 -36.97 7.22 -23.41
N LEU C 49 -36.19 6.38 -24.08
CA LEU C 49 -36.74 5.52 -25.11
C LEU C 49 -37.86 4.65 -24.48
N SER C 50 -37.62 4.02 -23.31
CA SER C 50 -38.67 3.19 -22.68
C SER C 50 -39.95 3.98 -22.28
N LEU C 51 -39.77 5.16 -21.74
CA LEU C 51 -40.87 5.93 -21.37
C LEU C 51 -41.67 6.32 -22.60
N GLY C 52 -40.97 6.39 -23.73
CA GLY C 52 -41.63 6.80 -24.94
C GLY C 52 -42.40 5.64 -25.49
N VAL C 53 -41.84 4.46 -25.41
CA VAL C 53 -42.51 3.28 -25.91
C VAL C 53 -43.76 3.07 -24.99
N SER C 54 -43.61 3.37 -23.68
CA SER C 54 -44.77 3.21 -22.83
C SER C 54 -45.82 4.21 -23.10
N LEU C 55 -45.41 5.43 -23.42
CA LEU C 55 -46.46 6.42 -23.64
C LEU C 55 -47.20 6.10 -24.94
N PHE C 56 -46.48 5.57 -25.89
CA PHE C 56 -47.10 5.27 -27.10
C PHE C 56 -48.04 4.07 -26.94
N SER C 57 -47.72 3.12 -26.12
CA SER C 57 -48.63 2.01 -26.06
C SER C 57 -49.88 2.43 -25.23
N LEU C 58 -49.74 3.43 -24.36
CA LEU C 58 -50.83 3.87 -23.58
C LEU C 58 -51.80 4.60 -24.47
N ALA C 59 -51.30 5.45 -25.36
CA ALA C 59 -52.09 6.16 -26.37
C ALA C 59 -52.78 5.13 -27.27
N ALA C 60 -52.13 4.02 -27.60
CA ALA C 60 -52.85 3.07 -28.41
C ALA C 60 -54.15 2.55 -27.61
N LEU C 61 -54.04 2.34 -26.29
CA LEU C 61 -55.17 1.83 -25.51
C LEU C 61 -56.18 2.87 -25.15
N LEU C 62 -55.80 4.15 -25.19
CA LEU C 62 -56.67 5.15 -24.70
C LEU C 62 -57.16 6.26 -25.58
N LEU C 63 -56.58 6.51 -26.72
CA LEU C 63 -57.09 7.60 -27.53
C LEU C 63 -58.20 7.11 -28.47
N PRO C 64 -59.17 8.00 -28.72
CA PRO C 64 -60.34 7.80 -29.57
C PRO C 64 -60.05 7.57 -31.04
N GLU C 65 -58.88 7.97 -31.53
CA GLU C 65 -58.69 7.68 -32.94
C GLU C 65 -57.50 6.83 -33.22
N GLN C 66 -57.36 6.37 -34.43
CA GLN C 66 -56.19 5.58 -34.73
C GLN C 66 -55.05 6.36 -35.39
N PHE C 67 -53.91 5.72 -35.40
CA PHE C 67 -52.71 6.36 -35.88
C PHE C 67 -52.88 7.14 -37.15
N PRO C 68 -53.48 6.52 -38.19
CA PRO C 68 -53.64 7.27 -39.45
C PRO C 68 -54.34 8.60 -39.29
N HIS C 69 -55.32 8.73 -38.42
CA HIS C 69 -55.92 10.03 -38.25
C HIS C 69 -54.91 11.02 -37.69
N TYR C 70 -54.15 10.64 -36.66
CA TYR C 70 -53.20 11.63 -36.17
C TYR C 70 -52.14 11.98 -37.19
N VAL C 71 -51.70 11.02 -37.99
CA VAL C 71 -50.69 11.35 -38.98
C VAL C 71 -51.32 12.42 -39.85
N ALA C 72 -52.41 12.08 -40.52
CA ALA C 72 -53.13 13.06 -41.33
C ALA C 72 -53.31 14.41 -40.58
N VAL C 73 -53.84 14.42 -39.36
CA VAL C 73 -53.98 15.71 -38.67
C VAL C 73 -52.70 16.51 -38.80
N VAL C 74 -51.61 15.94 -38.34
CA VAL C 74 -50.35 16.65 -38.39
C VAL C 74 -50.03 17.14 -39.77
N LYS C 75 -50.21 16.29 -40.78
CA LYS C 75 -49.95 16.67 -42.15
C LYS C 75 -50.77 17.89 -42.61
N SER C 76 -51.99 17.96 -42.11
CA SER C 76 -52.91 19.03 -42.47
C SER C 76 -52.40 20.34 -41.92
N LEU C 77 -51.23 20.35 -41.34
CA LEU C 77 -50.72 21.60 -40.80
C LEU C 77 -49.60 22.00 -41.75
N SER C 78 -49.40 21.14 -42.74
CA SER C 78 -48.31 21.27 -43.71
C SER C 78 -47.24 22.22 -43.08
N LEU C 79 -46.53 21.64 -42.09
CA LEU C 79 -45.47 22.31 -41.33
C LEU C 79 -44.22 22.43 -42.19
N SER C 80 -43.42 23.41 -41.83
CA SER C 80 -42.20 23.70 -42.54
C SER C 80 -41.25 22.57 -42.48
N PRO C 81 -40.63 22.23 -43.61
CA PRO C 81 -39.63 21.15 -43.73
C PRO C 81 -38.53 21.20 -42.64
N ALA C 82 -38.03 22.40 -42.35
CA ALA C 82 -37.01 22.58 -41.33
C ALA C 82 -37.53 22.01 -40.05
N LEU C 83 -38.70 22.45 -39.64
CA LEU C 83 -39.26 21.95 -38.42
C LEU C 83 -39.47 20.42 -38.46
N ILE C 84 -39.96 19.92 -39.58
CA ILE C 84 -40.18 18.50 -39.70
C ILE C 84 -38.85 17.82 -39.43
N TYR C 85 -37.82 18.17 -40.22
CA TYR C 85 -36.45 17.64 -40.11
C TYR C 85 -36.03 17.70 -38.63
N SER C 86 -36.16 18.89 -38.04
CA SER C 86 -35.82 19.05 -36.63
C SER C 86 -36.42 17.95 -35.76
N ALA C 87 -37.71 17.77 -35.90
CA ALA C 87 -38.41 16.76 -35.16
C ALA C 87 -37.92 15.35 -35.49
N LYS C 88 -37.72 14.99 -36.74
CA LYS C 88 -37.30 13.64 -36.98
C LYS C 88 -35.94 13.43 -36.35
N PHE C 89 -35.10 14.46 -36.40
CA PHE C 89 -33.75 14.36 -35.85
C PHE C 89 -33.85 14.16 -34.34
N ALA C 90 -34.74 14.91 -33.72
CA ALA C 90 -34.92 14.78 -32.29
C ALA C 90 -35.44 13.42 -31.99
N LEU C 91 -36.20 12.80 -32.89
CA LEU C 91 -36.69 11.50 -32.50
C LEU C 91 -35.70 10.43 -32.66
N VAL C 92 -34.92 10.53 -33.71
CA VAL C 92 -34.07 9.41 -33.94
C VAL C 92 -32.74 9.48 -33.16
N PHE C 93 -32.33 10.66 -32.73
CA PHE C 93 -31.04 10.83 -32.06
C PHE C 93 -30.83 9.94 -30.83
N PRO C 94 -31.83 9.94 -29.92
CA PRO C 94 -31.64 9.09 -28.75
C PRO C 94 -31.63 7.68 -29.13
N LEU C 95 -32.44 7.30 -30.08
CA LEU C 95 -32.42 5.88 -30.44
C LEU C 95 -31.08 5.56 -30.99
N SER C 96 -30.60 6.47 -31.82
CA SER C 96 -29.35 6.29 -32.49
C SER C 96 -28.15 6.21 -31.51
N TYR C 97 -28.11 7.19 -30.65
CA TYR C 97 -27.03 7.23 -29.67
C TYR C 97 -27.00 5.96 -28.89
N HIS C 98 -28.16 5.59 -28.35
CA HIS C 98 -28.28 4.38 -27.51
C HIS C 98 -28.00 3.10 -28.24
N THR C 99 -28.28 3.03 -29.54
CA THR C 99 -28.00 1.77 -30.27
C THR C 99 -26.52 1.62 -30.44
N TRP C 100 -25.88 2.67 -31.00
CA TRP C 100 -24.43 2.58 -31.22
C TRP C 100 -23.62 2.35 -29.95
N ASN C 101 -23.93 3.11 -28.89
CA ASN C 101 -23.24 2.97 -27.57
C ASN C 101 -23.69 1.64 -27.03
N GLY C 102 -24.88 1.20 -27.40
CA GLY C 102 -25.26 -0.10 -26.92
C GLY C 102 -24.36 -1.14 -27.54
N ILE C 103 -24.02 -0.92 -28.80
CA ILE C 103 -23.15 -1.95 -29.47
C ILE C 103 -21.78 -1.95 -28.80
N ARG C 104 -21.34 -0.73 -28.45
CA ARG C 104 -20.00 -0.55 -27.76
C ARG C 104 -20.04 -1.35 -26.39
N HIS C 105 -21.18 -1.24 -25.65
CA HIS C 105 -21.35 -2.01 -24.37
C HIS C 105 -21.31 -3.49 -24.66
N LEU C 106 -21.99 -3.98 -25.74
CA LEU C 106 -21.91 -5.44 -25.98
C LEU C 106 -20.46 -5.84 -26.29
N VAL C 107 -19.72 -4.94 -26.96
CA VAL C 107 -18.30 -5.26 -27.25
C VAL C 107 -17.56 -5.31 -25.94
N TRP C 108 -17.75 -4.32 -25.07
CA TRP C 108 -17.11 -4.45 -23.78
C TRP C 108 -17.51 -5.78 -23.10
N ASP C 109 -18.79 -6.16 -23.16
CA ASP C 109 -19.21 -7.45 -22.54
C ASP C 109 -18.40 -8.65 -23.10
N MET C 110 -17.79 -8.51 -24.25
CA MET C 110 -16.98 -9.63 -24.71
C MET C 110 -15.56 -9.45 -24.22
N GLY C 111 -15.35 -8.41 -23.40
CA GLY C 111 -14.03 -8.16 -22.87
C GLY C 111 -13.02 -7.39 -23.77
N LYS C 112 -13.49 -6.66 -24.78
CA LYS C 112 -12.64 -5.98 -25.76
C LYS C 112 -12.75 -4.49 -25.67
N GLY C 113 -11.68 -3.74 -25.98
CA GLY C 113 -11.78 -2.28 -25.92
C GLY C 113 -11.65 -1.62 -24.54
N PHE C 114 -11.03 -2.33 -23.61
CA PHE C 114 -10.83 -1.80 -22.28
C PHE C 114 -9.68 -0.89 -22.01
N LYS C 115 -8.67 -0.82 -22.87
CA LYS C 115 -7.57 0.14 -22.60
C LYS C 115 -8.25 1.51 -22.47
N LEU C 116 -7.83 2.36 -21.54
CA LEU C 116 -8.57 3.60 -21.52
C LEU C 116 -8.56 4.44 -22.85
N SER C 117 -7.48 4.32 -23.61
CA SER C 117 -7.33 5.12 -24.82
C SER C 117 -8.28 4.56 -25.86
N GLN C 118 -8.62 3.25 -25.76
CA GLN C 118 -9.61 2.67 -26.68
C GLN C 118 -11.06 3.10 -26.26
N VAL C 119 -11.24 3.25 -24.94
CA VAL C 119 -12.53 3.71 -24.43
C VAL C 119 -12.75 5.12 -25.01
N GLU C 120 -11.71 5.91 -25.04
CA GLU C 120 -11.90 7.27 -25.57
C GLU C 120 -12.17 7.15 -27.10
N GLN C 121 -11.44 6.32 -27.80
CA GLN C 121 -11.71 6.15 -29.23
C GLN C 121 -13.11 5.66 -29.55
N SER C 122 -13.55 4.52 -28.96
CA SER C 122 -14.92 4.02 -29.22
C SER C 122 -15.98 5.06 -28.88
N GLY C 123 -15.81 5.84 -27.81
CA GLY C 123 -16.83 6.80 -27.50
C GLY C 123 -16.99 7.82 -28.64
N VAL C 124 -15.83 8.31 -29.12
CA VAL C 124 -15.83 9.28 -30.23
C VAL C 124 -16.31 8.56 -31.50
N VAL C 125 -15.95 7.31 -31.77
CA VAL C 125 -16.53 6.72 -32.97
C VAL C 125 -18.10 6.70 -32.73
N VAL C 126 -18.57 6.35 -31.50
CA VAL C 126 -20.02 6.37 -31.27
C VAL C 126 -20.58 7.74 -31.56
N LEU C 127 -19.94 8.80 -31.12
CA LEU C 127 -20.57 10.08 -31.37
C LEU C 127 -20.66 10.39 -32.88
N ILE C 128 -19.67 9.98 -33.65
CA ILE C 128 -19.80 10.47 -34.99
C ILE C 128 -20.81 9.60 -35.75
N LEU C 129 -20.83 8.32 -35.51
CA LEU C 129 -21.82 7.47 -36.16
C LEU C 129 -23.26 7.91 -35.77
N THR C 130 -23.46 8.33 -34.53
CA THR C 130 -24.77 8.77 -34.05
C THR C 130 -25.21 10.01 -34.86
N LEU C 131 -24.30 10.97 -34.92
CA LEU C 131 -24.59 12.19 -35.63
C LEU C 131 -24.85 11.89 -37.09
N LEU C 132 -24.05 11.04 -37.69
CA LEU C 132 -24.23 10.75 -39.10
C LEU C 132 -25.54 10.01 -39.42
N SER C 133 -25.77 8.93 -38.66
CA SER C 133 -26.94 8.13 -38.86
C SER C 133 -28.15 8.96 -38.52
N SER C 134 -28.03 9.91 -37.61
CA SER C 134 -29.17 10.71 -37.28
C SER C 134 -29.54 11.79 -38.35
N ALA C 135 -28.54 12.30 -39.07
CA ALA C 135 -28.80 13.28 -40.09
C ALA C 135 -29.31 12.50 -41.29
N GLY C 136 -28.74 11.32 -41.50
CA GLY C 136 -29.07 10.46 -42.59
C GLY C 136 -30.57 10.22 -42.52
N ILE C 137 -31.01 9.63 -41.40
CA ILE C 137 -32.40 9.30 -41.19
C ILE C 137 -33.39 10.45 -41.12
N ALA C 138 -33.04 11.53 -40.47
CA ALA C 138 -33.98 12.65 -40.38
C ALA C 138 -34.19 13.22 -41.79
N ALA C 139 -33.47 12.64 -42.76
CA ALA C 139 -33.56 13.14 -44.11
C ALA C 139 -34.42 12.27 -44.99
N ILE C 140 -34.57 11.00 -44.61
CA ILE C 140 -35.40 10.09 -45.38
C ILE C 140 -36.92 10.44 -45.25
N SER C 141 -37.74 9.57 -45.85
N SER D 2 -32.18 -21.40 -8.66
CA SER D 2 -30.96 -21.44 -9.55
C SER D 2 -29.74 -20.81 -8.83
N SER D 3 -28.71 -21.62 -8.61
CA SER D 3 -27.56 -21.07 -7.91
C SER D 3 -26.93 -20.01 -8.83
N LYS D 4 -27.17 -20.11 -10.15
CA LYS D 4 -26.64 -19.18 -11.13
C LYS D 4 -27.64 -18.13 -11.63
N ALA D 5 -28.54 -17.77 -10.77
CA ALA D 5 -29.51 -16.86 -11.23
C ALA D 5 -28.96 -15.55 -11.74
N ALA D 6 -28.17 -14.88 -10.93
CA ALA D 6 -27.73 -13.58 -11.35
C ALA D 6 -26.95 -13.58 -12.71
N SER D 7 -26.08 -14.55 -12.95
CA SER D 7 -25.39 -14.58 -14.18
C SER D 7 -26.25 -15.04 -15.37
N LEU D 8 -27.35 -15.72 -15.10
CA LEU D 8 -28.18 -16.23 -16.17
C LEU D 8 -28.97 -15.01 -16.51
N HIS D 9 -29.25 -14.16 -15.54
CA HIS D 9 -30.01 -12.97 -15.92
C HIS D 9 -29.10 -12.06 -16.79
N TRP D 10 -27.87 -11.87 -16.36
CA TRP D 10 -26.90 -11.01 -17.05
C TRP D 10 -26.78 -11.54 -18.47
N THR D 11 -26.59 -12.85 -18.66
CA THR D 11 -26.52 -13.36 -20.02
C THR D 11 -27.83 -13.08 -20.83
N SER D 12 -29.01 -13.26 -20.23
CA SER D 12 -30.25 -13.04 -20.98
C SER D 12 -30.38 -11.60 -21.36
N GLU D 13 -29.98 -10.74 -20.46
CA GLU D 13 -30.09 -9.36 -20.80
C GLU D 13 -29.36 -8.99 -22.10
N ARG D 14 -28.17 -9.52 -22.26
CA ARG D 14 -27.34 -9.22 -23.43
C ARG D 14 -27.87 -9.93 -24.63
N ALA D 15 -28.39 -11.15 -24.42
CA ALA D 15 -28.98 -11.92 -25.54
C ALA D 15 -30.15 -11.10 -26.08
N VAL D 16 -30.87 -10.43 -25.19
CA VAL D 16 -32.02 -9.68 -25.64
C VAL D 16 -31.66 -8.39 -26.29
N SER D 17 -30.62 -7.78 -25.78
CA SER D 17 -30.16 -6.50 -26.35
C SER D 17 -29.74 -6.78 -27.81
N ALA D 18 -28.98 -7.83 -28.00
CA ALA D 18 -28.53 -8.22 -29.31
C ALA D 18 -29.72 -8.45 -30.21
N LEU D 19 -30.70 -9.21 -29.71
CA LEU D 19 -31.98 -9.56 -30.39
C LEU D 19 -32.64 -8.34 -30.97
N LEU D 20 -32.76 -7.35 -30.13
CA LEU D 20 -33.36 -6.12 -30.50
C LEU D 20 -32.52 -5.38 -31.55
N LEU D 21 -31.21 -5.42 -31.42
CA LEU D 21 -30.38 -4.75 -32.40
C LEU D 21 -30.75 -5.41 -33.76
N GLY D 22 -30.73 -6.71 -33.80
CA GLY D 22 -31.08 -7.42 -35.01
C GLY D 22 -32.48 -7.08 -35.57
N LEU D 23 -33.42 -6.60 -34.74
CA LEU D 23 -34.76 -6.29 -35.21
C LEU D 23 -34.84 -4.98 -35.93
N LEU D 24 -33.88 -4.09 -35.70
CA LEU D 24 -33.90 -2.77 -36.33
C LEU D 24 -33.77 -2.99 -37.86
N PRO D 25 -32.70 -3.67 -38.28
CA PRO D 25 -32.55 -3.92 -39.71
C PRO D 25 -33.78 -4.73 -40.19
N ALA D 26 -34.20 -5.75 -39.43
CA ALA D 26 -35.40 -6.55 -39.79
C ALA D 26 -36.66 -5.75 -39.99
N ALA D 27 -36.84 -4.65 -39.27
CA ALA D 27 -38.04 -3.87 -39.40
C ALA D 27 -38.00 -3.08 -40.69
N TYR D 28 -36.77 -2.68 -41.05
CA TYR D 28 -36.59 -1.85 -42.23
C TYR D 28 -36.71 -2.66 -43.52
N LEU D 29 -36.15 -3.84 -43.52
CA LEU D 29 -36.11 -4.74 -44.65
C LEU D 29 -37.26 -5.69 -44.78
N TYR D 30 -37.85 -6.08 -43.66
CA TYR D 30 -38.96 -7.02 -43.76
C TYR D 30 -40.10 -6.69 -42.84
N PRO D 31 -40.61 -5.47 -42.89
CA PRO D 31 -41.73 -5.10 -41.99
C PRO D 31 -42.96 -5.99 -42.11
N GLY D 32 -43.72 -6.09 -41.04
CA GLY D 32 -44.90 -6.93 -41.03
C GLY D 32 -45.12 -7.51 -39.65
N PRO D 33 -46.24 -8.20 -39.45
CA PRO D 33 -46.62 -8.81 -38.17
C PRO D 33 -45.53 -9.44 -37.34
N ALA D 34 -44.86 -10.42 -37.91
CA ALA D 34 -43.83 -11.11 -37.22
C ALA D 34 -42.84 -10.17 -36.54
N VAL D 35 -42.34 -9.15 -37.25
CA VAL D 35 -41.38 -8.22 -36.68
C VAL D 35 -42.12 -7.34 -35.72
N ASP D 36 -43.34 -7.07 -36.08
CA ASP D 36 -44.15 -6.20 -35.20
C ASP D 36 -44.35 -6.87 -33.86
N TYR D 37 -44.56 -8.16 -33.83
CA TYR D 37 -44.72 -8.67 -32.50
C TYR D 37 -43.39 -8.87 -31.79
N SER D 38 -42.36 -9.22 -32.61
CA SER D 38 -41.03 -9.47 -32.05
C SER D 38 -40.56 -8.19 -31.41
N LEU D 39 -40.93 -7.08 -31.96
CA LEU D 39 -40.47 -5.83 -31.41
C LEU D 39 -41.25 -5.52 -30.17
N ALA D 40 -42.52 -5.95 -30.11
CA ALA D 40 -43.33 -5.65 -28.96
C ALA D 40 -42.76 -6.43 -27.82
N ALA D 41 -42.48 -7.69 -28.04
CA ALA D 41 -41.93 -8.48 -26.97
C ALA D 41 -40.46 -8.00 -26.54
N ALA D 42 -39.58 -7.77 -27.50
CA ALA D 42 -38.18 -7.34 -27.17
C ALA D 42 -38.12 -5.91 -26.58
N LEU D 43 -38.87 -4.95 -27.09
CA LEU D 43 -38.86 -3.65 -26.53
C LEU D 43 -39.36 -3.73 -25.07
N THR D 44 -40.31 -4.61 -24.80
CA THR D 44 -40.80 -4.60 -23.41
C THR D 44 -39.82 -5.29 -22.46
N LEU D 45 -39.38 -6.45 -22.90
CA LEU D 45 -38.48 -7.23 -22.09
C LEU D 45 -37.19 -6.42 -21.79
N HIS D 46 -36.52 -5.86 -22.85
CA HIS D 46 -35.32 -5.05 -22.68
C HIS D 46 -35.59 -3.81 -21.82
N GLY D 47 -36.71 -3.17 -22.03
CA GLY D 47 -36.94 -2.01 -21.20
C GLY D 47 -37.29 -2.34 -19.75
N HIS D 48 -37.89 -3.51 -19.57
CA HIS D 48 -38.31 -3.91 -18.21
C HIS D 48 -37.03 -4.22 -17.40
N TRP D 49 -36.16 -5.09 -17.92
CA TRP D 49 -34.86 -5.39 -17.29
C TRP D 49 -34.02 -4.14 -17.12
N GLY D 50 -34.07 -3.26 -18.12
CA GLY D 50 -33.33 -2.04 -18.04
C GLY D 50 -33.75 -1.16 -16.93
N LEU D 51 -35.04 -0.84 -16.88
CA LEU D 51 -35.55 0.00 -15.80
C LEU D 51 -35.37 -0.68 -14.46
N GLY D 52 -35.34 -2.00 -14.42
CA GLY D 52 -35.05 -2.68 -13.14
C GLY D 52 -33.60 -2.50 -12.58
N GLN D 53 -32.62 -2.28 -13.49
CA GLN D 53 -31.21 -2.13 -13.07
C GLN D 53 -31.22 -0.74 -12.51
N VAL D 54 -31.97 0.13 -13.12
CA VAL D 54 -32.00 1.49 -12.61
C VAL D 54 -32.61 1.62 -11.19
N ILE D 55 -33.69 0.84 -10.97
CA ILE D 55 -34.33 0.88 -9.68
C ILE D 55 -33.35 0.31 -8.67
N THR D 56 -32.74 -0.81 -9.06
CA THR D 56 -31.75 -1.46 -8.26
C THR D 56 -30.58 -0.55 -7.85
N ASP D 57 -30.13 0.32 -8.74
CA ASP D 57 -29.03 1.22 -8.39
C ASP D 57 -29.53 2.35 -7.56
N TYR D 58 -30.71 2.87 -7.89
CA TYR D 58 -31.12 4.07 -7.25
C TYR D 58 -32.17 3.99 -6.16
N VAL D 59 -32.85 2.86 -6.04
CA VAL D 59 -33.91 2.85 -5.04
C VAL D 59 -33.46 2.06 -3.84
N HIS D 60 -33.64 2.66 -2.66
CA HIS D 60 -33.21 1.98 -1.46
C HIS D 60 -34.26 1.83 -0.39
N GLY D 61 -34.18 0.76 0.38
CA GLY D 61 -35.19 0.50 1.43
C GLY D 61 -36.11 -0.59 0.91
N ASP D 62 -36.30 -1.65 1.71
CA ASP D 62 -37.12 -2.82 1.35
C ASP D 62 -38.44 -2.52 0.72
N THR D 63 -39.14 -1.55 1.29
CA THR D 63 -40.42 -1.12 0.82
C THR D 63 -40.38 -0.25 -0.42
N PRO D 64 -39.52 0.78 -0.42
CA PRO D 64 -39.48 1.58 -1.65
C PRO D 64 -39.07 0.69 -2.85
N ILE D 65 -38.25 -0.31 -2.61
CA ILE D 65 -37.79 -1.21 -3.68
C ILE D 65 -38.97 -2.06 -4.18
N LYS D 66 -39.78 -2.59 -3.26
CA LYS D 66 -40.97 -3.40 -3.54
C LYS D 66 -41.97 -2.61 -4.34
N VAL D 67 -42.13 -1.37 -3.95
CA VAL D 67 -43.02 -0.50 -4.64
C VAL D 67 -42.60 -0.12 -6.08
N ALA D 68 -41.34 0.27 -6.23
CA ALA D 68 -40.81 0.63 -7.54
C ALA D 68 -40.93 -0.60 -8.47
N ASN D 69 -40.58 -1.76 -7.98
CA ASN D 69 -40.60 -2.94 -8.80
C ASN D 69 -42.03 -3.39 -9.16
N THR D 70 -42.96 -3.02 -8.30
CA THR D 70 -44.35 -3.42 -8.51
C THR D 70 -44.86 -2.51 -9.51
N GLY D 71 -44.65 -1.21 -9.32
CA GLY D 71 -45.07 -0.27 -10.35
C GLY D 71 -44.44 -0.60 -11.74
N LEU D 72 -43.19 -1.06 -11.77
CA LEU D 72 -42.54 -1.35 -13.02
C LEU D 72 -43.22 -2.53 -13.71
N TYR D 73 -43.47 -3.57 -12.94
CA TYR D 73 -44.15 -4.70 -13.51
C TYR D 73 -45.54 -4.28 -14.11
N VAL D 74 -46.22 -3.32 -13.52
CA VAL D 74 -47.46 -2.92 -14.11
C VAL D 74 -47.25 -2.12 -15.45
N LEU D 75 -46.33 -1.17 -15.36
CA LEU D 75 -45.95 -0.35 -16.53
C LEU D 75 -45.62 -1.32 -17.65
N SER D 76 -44.77 -2.30 -17.40
CA SER D 76 -44.38 -3.22 -18.45
C SER D 76 -45.48 -4.09 -19.02
N ALA D 77 -46.31 -4.61 -18.11
CA ALA D 77 -47.40 -5.50 -18.55
C ALA D 77 -48.33 -4.70 -19.40
N ILE D 78 -48.64 -3.51 -18.93
CA ILE D 78 -49.56 -2.74 -19.73
C ILE D 78 -48.88 -2.31 -21.07
N THR D 79 -47.58 -1.99 -21.03
CA THR D 79 -46.87 -1.55 -22.24
C THR D 79 -46.83 -2.71 -23.30
N PHE D 80 -46.52 -3.91 -22.90
CA PHE D 80 -46.52 -4.95 -23.88
C PHE D 80 -47.98 -5.17 -24.43
N THR D 81 -48.96 -4.93 -23.55
CA THR D 81 -50.37 -5.14 -23.93
C THR D 81 -50.80 -4.13 -25.00
N GLY D 82 -50.51 -2.89 -24.70
CA GLY D 82 -50.84 -1.80 -25.58
C GLY D 82 -50.17 -1.91 -26.91
N LEU D 83 -48.91 -2.40 -26.96
CA LEU D 83 -48.18 -2.58 -28.21
C LEU D 83 -48.80 -3.75 -29.04
N CYS D 84 -49.20 -4.80 -28.38
CA CYS D 84 -49.82 -5.92 -29.06
C CYS D 84 -51.15 -5.43 -29.57
N TYR D 85 -51.79 -4.61 -28.75
CA TYR D 85 -53.07 -4.07 -29.16
C TYR D 85 -52.88 -3.23 -30.49
N PHE D 86 -51.92 -2.27 -30.43
CA PHE D 86 -51.62 -1.38 -31.60
C PHE D 86 -51.32 -2.25 -32.86
N ASN D 87 -50.64 -3.33 -32.66
CA ASN D 87 -50.35 -4.24 -33.73
C ASN D 87 -51.54 -5.03 -34.24
N TYR D 88 -52.51 -5.32 -33.37
CA TYR D 88 -53.62 -6.12 -33.83
C TYR D 88 -54.71 -5.28 -34.42
N TYR D 89 -54.97 -4.14 -33.78
CA TYR D 89 -56.10 -3.31 -34.19
C TYR D 89 -55.73 -2.14 -35.03
N ASP D 90 -54.47 -1.77 -35.05
CA ASP D 90 -54.11 -0.61 -35.84
C ASP D 90 -53.05 -1.06 -36.83
N VAL D 91 -52.35 -0.11 -37.46
CA VAL D 91 -51.30 -0.45 -38.46
C VAL D 91 -50.08 -1.23 -37.97
N GLY D 92 -49.72 -1.18 -36.66
CA GLY D 92 -48.56 -1.98 -36.27
C GLY D 92 -47.28 -1.13 -36.30
N ILE D 93 -46.38 -1.41 -35.38
CA ILE D 93 -45.17 -0.61 -35.23
C ILE D 93 -44.49 -0.27 -36.56
N CYS D 94 -44.14 -1.26 -37.37
CA CYS D 94 -43.37 -0.96 -38.59
C CYS D 94 -44.05 -0.01 -39.51
N LYS D 95 -45.28 -0.35 -39.85
CA LYS D 95 -46.01 0.59 -40.69
C LYS D 95 -46.18 1.95 -40.05
N ALA D 96 -46.43 2.04 -38.76
CA ALA D 96 -46.58 3.38 -38.14
C ALA D 96 -45.34 4.26 -38.27
N VAL D 97 -44.15 3.62 -38.22
CA VAL D 97 -42.93 4.38 -38.30
C VAL D 97 -42.83 4.91 -39.73
N ALA D 98 -43.13 4.07 -40.71
CA ALA D 98 -43.13 4.49 -42.12
C ALA D 98 -44.07 5.64 -42.35
N MET D 99 -45.18 5.63 -41.66
CA MET D 99 -46.14 6.67 -41.92
C MET D 99 -45.76 7.90 -41.27
N LEU D 100 -45.25 7.77 -40.06
CA LEU D 100 -44.85 8.99 -39.35
C LEU D 100 -43.67 9.65 -40.13
N TRP D 101 -42.85 8.82 -40.77
CA TRP D 101 -41.71 9.36 -41.47
C TRP D 101 -42.12 9.94 -42.78
N SER D 102 -43.42 10.05 -43.02
CA SER D 102 -43.91 10.66 -44.27
C SER D 102 -44.40 12.06 -44.08
N ILE D 103 -44.65 12.44 -42.85
CA ILE D 103 -45.11 13.76 -42.57
C ILE D 103 -44.26 14.91 -43.12
PA FAD E . 7.87 -2.04 9.22
O1A FAD E . 8.79 -0.99 9.06
O2A FAD E . 7.42 -2.63 8.05
O5B FAD E . 6.62 -1.65 9.99
C5B FAD E . 6.60 -1.03 11.31
C4B FAD E . 5.25 -1.49 11.91
O4B FAD E . 5.16 -1.07 13.31
C3B FAD E . 4.05 -0.85 11.21
O3B FAD E . 3.06 -1.83 10.87
C2B FAD E . 3.51 0.23 12.23
O2B FAD E . 2.03 0.35 12.15
C1B FAD E . 4.04 -0.32 13.58
N9A FAD E . 4.40 0.78 14.56
C8A FAD E . 5.39 1.65 14.55
N7A FAD E . 5.31 2.50 15.60
C5A FAD E . 4.17 2.09 16.26
C6A FAD E . 3.43 2.51 17.41
N6A FAD E . 3.80 3.56 18.08
N1A FAD E . 2.28 1.86 17.80
C2A FAD E . 1.79 0.77 17.13
N3A FAD E . 2.46 0.35 16.00
C4A FAD E . 3.62 0.99 15.59
N1 FAD E . 14.88 -5.53 2.83
C2 FAD E . 15.05 -6.75 2.17
O2 FAD E . 15.41 -7.73 2.83
N3 FAD E . 14.77 -6.82 0.79
C4 FAD E . 14.34 -5.66 0.11
O4 FAD E . 14.09 -5.74 -1.12
C4X FAD E . 14.19 -4.37 0.87
N5 FAD E . 13.80 -3.24 0.30
C5X FAD E . 13.60 -2.01 1.03
C6 FAD E . 13.13 -0.85 0.35
C7 FAD E . 12.86 0.38 1.05
C7M FAD E . 12.37 1.53 0.16
C8 FAD E . 13.08 0.44 2.51
C8M FAD E . 12.83 1.68 3.38
C9 FAD E . 13.57 -0.74 3.19
C9A FAD E . 13.82 -1.94 2.47
N10 FAD E . 14.25 -3.11 3.05
C10 FAD E . 14.47 -4.38 2.24
C1' FAD E . 14.46 -3.10 4.51
C2' FAD E . 13.18 -3.81 5.13
O2' FAD E . 12.10 -3.50 4.29
C3' FAD E . 12.70 -3.35 6.43
O3' FAD E . 13.77 -3.56 7.27
C4' FAD E . 11.49 -4.26 6.91
O4' FAD E . 10.35 -4.24 6.03
C5' FAD E . 11.07 -3.99 8.36
O5' FAD E . 9.75 -4.24 8.60
P FAD E . 9.18 -4.49 10.02
O1P FAD E . 8.26 -5.58 9.98
O2P FAD E . 10.28 -4.61 10.97
O3P FAD E . 8.29 -3.12 10.10
C1 TEO F . 17.03 -3.22 -2.36
O1A TEO F . 16.07 -3.73 -3.02
O1B TEO F . 18.08 -2.62 -2.97
C2 TEO F . 16.98 -3.23 -0.88
O2 TEO F . 16.82 -1.98 -0.22
C3 TEO F . 17.08 -4.36 -0.16
C4 TEO F . 17.41 -4.43 1.16
O4A TEO F . 17.51 -3.37 1.93
O4B TEO F . 17.56 -5.57 1.67
O1 UNL G . 30.95 13.04 24.68
O1 UNL H . -7.41 25.66 19.14
O1 UNL I . -11.15 -17.15 12.66
O1 UNL J . 30.32 -17.33 21.98
O1 UNL K . 4.66 -26.14 21.41
O1 UNL L . 9.92 -4.12 -23.56
O1 UNL M . -2.27 -5.45 42.31
O1 UNL N . 27.17 -24.04 -7.29
O1 UNL O . 27.54 -27.45 -5.04
O1 UNL P . 38.31 -9.99 -2.65
O1 UNL Q . 9.41 -17.38 -21.10
O1 UNL R . 21.54 22.46 16.27
O1 UNL S . 37.23 18.23 -4.99
O1 UNL T . 35.21 -25.64 17.57
O1 UNL U . 20.28 -5.40 -25.47
FE1 FES V . 1.36 8.31 -1.00
FE2 FES V . 2.31 6.23 0.28
S1 FES V . 2.26 8.31 1.00
S2 FES V . 1.00 6.21 -1.49
FE1 SF4 W . -7.78 0.58 -7.22
FE2 SF4 W . -5.66 1.86 -5.88
FE3 SF4 W . -5.59 0.96 -8.58
FE4 SF4 W . -5.87 -0.75 -6.53
S1 SF4 W . -4.10 0.61 -7.00
S2 SF4 W . -6.87 -0.93 -8.58
S3 SF4 W . -7.15 0.38 -5.05
S4 SF4 W . -6.79 2.54 -7.71
FE1 F3S X . -17.64 -0.58 -13.17
FE3 F3S X . -15.38 1.00 -13.00
FE4 F3S X . -17.57 1.42 -11.64
S1 F3S X . -16.06 -0.08 -14.79
S2 F3S X . -19.16 0.80 -13.03
S3 F3S X . -16.39 -0.35 -11.42
S4 F3S X . -16.09 2.99 -12.54
C1 UQ Y . -24.47 6.71 -12.17
C2 UQ Y . -24.04 6.03 -13.49
C3 UQ Y . -23.22 6.65 -14.41
C4 UQ Y . -22.67 8.09 -14.15
C5 UQ Y . -23.05 8.82 -12.92
C6 UQ Y . -23.90 8.24 -11.97
CM5 UQ Y . -22.50 10.25 -12.72
CM3 UQ Y . -23.90 5.35 -16.38
CM2 UQ Y . -25.89 4.65 -14.07
C7 UQ Y . -24.26 9.07 -10.70
O2 UQ Y . -24.49 4.71 -13.75
O3 UQ Y . -22.87 5.95 -15.60
O4 UQ Y . -21.91 8.66 -14.92
O1 UQ Y . -25.22 6.07 -11.32
O1 UNL Z . 6.88 24.21 -10.79
O1 UNL AA . -11.94 -10.69 8.17
O1 UNL BA . -14.23 -22.36 -13.20
O1 UNL CA . -25.97 9.73 -1.53
O1 UNL DA . -29.76 -8.52 -2.05
O1 UNL EA . -29.27 -13.13 -7.70
C1 GOL FA . -2.35 36.46 -5.44
O1 GOL FA . -2.28 37.69 -4.62
C2 GOL FA . -1.16 35.41 -5.29
O2 GOL FA . 0.16 36.07 -5.05
C3 GOL FA . -1.06 34.40 -6.51
O3 GOL FA . -1.32 33.00 -6.14
C1 JZR GA . -13.88 16.19 -20.91
O1 JZR GA . -15.31 16.42 -20.49
C2 JZR GA . -12.97 16.45 -19.71
O2 JZR GA . -13.12 17.74 -19.17
C3 JZR GA . -11.50 16.20 -20.03
O3 JZR GA . -10.71 16.46 -18.85
C4 JZR GA . -11.25 14.74 -20.54
O4 JZR GA . -9.83 14.43 -20.85
C5 JZR GA . -12.16 14.58 -21.76
O5 JZR GA . -13.57 14.84 -21.36
C6 JZR GA . -12.04 13.22 -22.44
O6 JZR GA . -12.43 12.16 -21.59
C1' JZR GA . -16.44 16.19 -21.45
C2' JZR GA . -17.92 16.41 -20.87
C3' JZR GA . -18.08 17.32 -19.58
C4' JZR GA . -19.58 17.56 -19.05
C5' JZR GA . -19.79 18.01 -17.51
C6' JZR GA . -19.02 19.26 -16.93
CHA HEM HA . -29.86 -0.36 -21.36
CHB HEM HA . -34.26 1.01 -23.29
CHC HEM HA . -32.37 -0.23 -27.63
CHD HEM HA . -28.41 -1.85 -25.76
C1A HEM HA . -31.23 0.01 -21.53
C2A HEM HA . -31.93 0.69 -20.54
C3A HEM HA . -33.13 0.95 -21.01
C4A HEM HA . -33.21 0.59 -22.39
CMA HEM HA . -34.26 1.56 -20.15
CAA HEM HA . -31.41 0.72 -19.04
CBA HEM HA . -30.40 1.81 -18.94
CGA HEM HA . -29.34 1.47 -17.93
O1A HEM HA . -28.57 2.34 -17.55
O2A HEM HA . -29.30 0.32 -17.50
C1B HEM HA . -34.09 0.74 -24.68
C2B HEM HA . -35.18 0.93 -25.59
C3B HEM HA . -34.61 0.79 -26.80
C4B HEM HA . -33.16 0.31 -26.62
CMB HEM HA . -36.78 1.37 -25.39
CAB HEM HA . -35.41 1.15 -27.99
C1C HEM HA . -31.17 -0.83 -27.62
C2C HEM HA . -30.41 -1.35 -28.83
C3C HEM HA . -29.27 -1.85 -28.21
C4C HEM HA . -29.40 -1.48 -26.75
CMC HEM HA . -30.91 -1.46 -30.44
CAC HEM HA . -28.14 -2.66 -28.76
C1D HEM HA . -28.44 -1.64 -24.37
C2D HEM HA . -27.52 -2.22 -23.49
C3D HEM HA . -27.78 -1.69 -22.29
C4D HEM HA . -29.01 -0.89 -22.47
CMD HEM HA . -26.24 -2.90 -23.85
CAD HEM HA . -27.06 -2.19 -20.98
CBD HEM HA . -26.29 -1.01 -20.47
CGD HEM HA . -25.36 -1.33 -19.27
O1D HEM HA . -24.81 -2.43 -19.19
O2D HEM HA . -25.16 -0.42 -18.41
NA HEM HA . -31.89 0.17 -22.71
NB HEM HA . -32.70 0.44 -25.27
NC HEM HA . -30.67 -1.09 -26.40
ND HEM HA . -29.68 -1.17 -23.68
FE HEM HA . -31.23 -0.41 -24.54
C27 PEE IA . -32.66 1.35 -39.27
C26 PEE IA . -33.78 1.50 -38.20
C25 PEE IA . -33.65 2.82 -37.36
C24 PEE IA . -32.67 2.69 -36.13
C23 PEE IA . -32.05 4.04 -35.57
C22 PEE IA . -30.54 4.02 -35.24
C21 PEE IA . -29.53 3.95 -36.12
C20 PEE IA . -28.34 3.03 -36.02
C19 PEE IA . -28.45 1.70 -36.79
C18 PEE IA . -27.64 0.60 -36.70
C17 PEE IA . -28.06 -0.85 -36.76
C16 PEE IA . -26.87 -1.82 -37.01
C15 PEE IA . -27.27 -3.24 -37.53
C14 PEE IA . -26.59 -4.42 -36.83
C13 PEE IA . -26.75 -5.79 -37.49
C12 PEE IA . -27.53 -6.84 -36.64
C11 PEE IA . -26.61 -7.94 -36.07
C10 PEE IA . -27.32 -8.98 -35.05
O4 PEE IA . -27.24 -8.82 -33.77
O2 PEE IA . -28.06 -10.09 -35.71
C1 PEE IA . -30.44 -1.39 -43.20
O1 UNL JA . -12.51 1.82 -32.15
O1 UNL KA . -25.12 12.98 -0.58
O1 UNL LA . -14.43 19.89 -11.40
O1 UNL MA . -51.66 8.90 -23.35
C21 PEE NA . -40.12 5.80 -45.72
C20 PEE NA . -39.05 5.43 -44.99
C19 PEE NA . -38.99 4.43 -43.82
C18 PEE NA . -38.87 5.11 -42.45
C17 PEE NA . -37.79 5.67 -41.84
C16 PEE NA . -37.01 5.15 -40.61
C15 PEE NA . -37.13 6.05 -39.32
C14 PEE NA . -36.57 5.37 -38.01
C13 PEE NA . -36.61 6.27 -36.76
C12 PEE NA . -37.42 5.79 -35.52
C11 PEE NA . -37.67 6.94 -34.47
C10 PEE NA . -38.53 6.49 -33.24
C30 PEE NA . -38.50 3.61 -30.14
C31 PEE NA . -38.30 2.21 -30.82
C32 PEE NA . -38.53 2.19 -32.37
C33 PEE NA . -38.60 0.78 -32.96
C34 PEE NA . -37.73 0.65 -34.18
C35 PEE NA . -38.58 0.64 -35.47
C36 PEE NA . -37.83 1.16 -36.73
C37 PEE NA . -38.16 0.33 -37.98
C38 PEE NA . -39.03 1.07 -39.02
C39 PEE NA . -38.81 0.64 -40.50
C40 PEE NA . -39.66 1.46 -41.51
C41 PEE NA . -40.37 0.58 -42.55
O1 UNL OA . -38.74 -12.26 -29.61
O1 UNL PA . -44.86 -11.41 -40.96
O1 UNL QA . -33.43 -14.04 -16.43
O1 UNL RA . -42.72 -9.68 -22.57
O1 UNL SA . -41.97 -6.82 -46.05
#